data_2B10
#
_entry.id   2B10
#
_cell.length_a   44.575
_cell.length_b   113.448
_cell.length_c   88.002
_cell.angle_alpha   90.00
_cell.angle_beta   104.55
_cell.angle_gamma   90.00
#
_symmetry.space_group_name_H-M   'P 1 21 1'
#
loop_
_entity.id
_entity.type
_entity.pdbx_description
1 polymer 'Cytochrome c peroxidase, mitochondrial'
2 polymer 'Cytochrome c iso-1'
3 non-polymer 'PROTOPORPHYRIN IX CONTAINING ZN'
4 non-polymer 'PROTOPORPHYRIN IX CONTAINING FE'
5 water water
#
loop_
_entity_poly.entity_id
_entity_poly.type
_entity_poly.pdbx_seq_one_letter_code
_entity_poly.pdbx_strand_id
1 'polypeptide(L)'
;TTPLVHVASVEKGRSYEDFQKVYNAIALKLREDDEYDNYIGYGPVLVRLAWHTSGTWDKHDNTGGSYGGTYRFKKEFNDP
SNAGLQNGFKFLEPIHKEFPWISSGDLFSLGGVTAVQEMQGPKIPWRCGRVDTPEDTTPDNGRLPDADKDADYVRTFFQR
LNMNDREVVALMGAHALGKTHLKNSGYEGPWGAANNVFTNEFYLNLLNEDWKLEKNDANNEQWDSKSGYMMLPTDYSLIQ
DPKYLSIVKEYANDQDKFFKDFSKAFEKLLENGITFPKDAPSPFIFKTLEEQGL
;
A,C
2 'polypeptide(L)'
;TEFKAGSAKKGATLFKTRCLQCHTVEKGGPHKVGPNLHGIFGRHSGQAEGYSYTDANIKKNVLWDENNMSEYLTNPKKYI
PGTKMASGGLKKEKDRNDLITYLKKACE
;
B,D
#
# COMPACT_ATOMS: atom_id res chain seq x y z
N THR A 1 -27.85 27.31 32.99
CA THR A 1 -26.75 26.28 32.97
C THR A 1 -25.67 26.56 31.95
N THR A 2 -26.08 27.23 30.85
CA THR A 2 -25.26 27.56 29.66
C THR A 2 -25.02 26.19 28.91
N PRO A 3 -24.70 26.21 27.58
CA PRO A 3 -24.46 24.91 26.90
C PRO A 3 -23.38 24.00 27.51
N LEU A 4 -23.40 22.71 27.14
CA LEU A 4 -22.40 21.73 27.62
C LEU A 4 -21.05 22.09 27.03
N VAL A 5 -19.99 21.91 27.82
CA VAL A 5 -18.63 22.22 27.37
C VAL A 5 -17.91 20.93 27.00
N HIS A 6 -17.44 20.87 25.77
CA HIS A 6 -16.73 19.70 25.25
C HIS A 6 -15.24 20.05 25.13
N VAL A 7 -14.47 19.65 26.13
CA VAL A 7 -13.02 19.92 26.18
C VAL A 7 -12.24 18.85 25.42
N ALA A 8 -11.33 19.31 24.56
CA ALA A 8 -10.50 18.42 23.75
C ALA A 8 -9.32 17.84 24.55
N SER A 9 -9.42 16.55 24.85
CA SER A 9 -8.36 15.87 25.60
C SER A 9 -7.60 14.91 24.69
N VAL A 10 -6.30 15.22 24.51
CA VAL A 10 -5.38 14.44 23.69
C VAL A 10 -5.27 13.02 24.26
N GLU A 11 -5.32 12.03 23.37
CA GLU A 11 -5.21 10.62 23.75
C GLU A 11 -3.86 10.38 24.44
N LYS A 12 -3.91 9.71 25.61
CA LYS A 12 -2.75 9.42 26.46
C LYS A 12 -1.41 9.18 25.76
N GLY A 13 -0.56 10.21 25.86
CA GLY A 13 0.78 10.19 25.30
C GLY A 13 0.87 9.99 23.79
N ARG A 14 0.03 10.71 23.04
CA ARG A 14 0.03 10.63 21.58
C ARG A 14 0.40 11.97 20.99
N SER A 15 1.01 11.92 19.82
CA SER A 15 1.47 13.13 19.13
C SER A 15 1.26 13.03 17.61
N TYR A 16 1.77 14.02 16.89
CA TYR A 16 1.69 14.13 15.42
C TYR A 16 2.11 12.86 14.68
N GLU A 17 3.20 12.26 15.13
CA GLU A 17 3.77 11.05 14.53
C GLU A 17 2.84 9.85 14.58
N ASP A 18 1.98 9.81 15.60
CA ASP A 18 1.01 8.74 15.80
C ASP A 18 -0.20 8.89 14.87
N PHE A 19 -0.62 10.14 14.67
CA PHE A 19 -1.76 10.45 13.81
C PHE A 19 -1.40 10.37 12.33
N GLN A 20 -0.14 10.64 12.02
CA GLN A 20 0.37 10.57 10.64
C GLN A 20 0.29 9.13 10.16
N LYS A 21 0.39 8.21 11.13
CA LYS A 21 0.34 6.78 10.90
C LYS A 21 -1.09 6.32 10.66
N VAL A 22 -2.05 6.94 11.33
CA VAL A 22 -3.46 6.61 11.16
C VAL A 22 -3.86 7.07 9.77
N TYR A 23 -3.36 8.26 9.40
CA TYR A 23 -3.59 8.87 8.09
C TYR A 23 -3.11 7.94 7.00
N ASN A 24 -1.86 7.50 7.11
CA ASN A 24 -1.24 6.62 6.10
C ASN A 24 -1.96 5.31 5.86
N ALA A 25 -2.48 4.69 6.93
CA ALA A 25 -3.22 3.42 6.83
C ALA A 25 -4.53 3.60 6.06
N ILE A 26 -5.16 4.78 6.24
CA ILE A 26 -6.42 5.15 5.57
C ILE A 26 -6.12 5.40 4.11
N ALA A 27 -5.15 6.30 3.88
CA ALA A 27 -4.71 6.73 2.53
C ALA A 27 -4.22 5.62 1.63
N LEU A 28 -3.73 4.55 2.25
CA LEU A 28 -3.23 3.37 1.57
C LEU A 28 -4.41 2.49 1.19
N LYS A 29 -5.39 2.37 2.10
CA LYS A 29 -6.59 1.54 1.88
C LYS A 29 -7.51 2.21 0.85
N LEU A 30 -7.26 3.50 0.66
CA LEU A 30 -7.97 4.37 -0.27
C LEU A 30 -7.42 4.09 -1.67
N ARG A 31 -6.14 3.75 -1.69
CA ARG A 31 -5.38 3.41 -2.88
C ARG A 31 -5.55 1.90 -3.23
N GLU A 32 -5.69 1.08 -2.20
CA GLU A 32 -5.85 -0.38 -2.34
C GLU A 32 -7.25 -0.85 -2.72
N ASP A 33 -8.27 -0.33 -2.04
CA ASP A 33 -9.66 -0.69 -2.28
C ASP A 33 -10.29 0.22 -3.35
N ASP A 34 -9.56 0.44 -4.45
CA ASP A 34 -10.01 1.30 -5.56
C ASP A 34 -11.16 0.80 -6.45
N GLU A 35 -11.72 -0.37 -6.13
CA GLU A 35 -12.82 -0.96 -6.92
C GLU A 35 -14.22 -0.41 -6.65
N TYR A 36 -14.44 0.04 -5.41
CA TYR A 36 -15.73 0.57 -4.93
C TYR A 36 -16.39 1.70 -5.72
N ASP A 37 -17.72 1.54 -5.88
CA ASP A 37 -18.61 2.47 -6.58
C ASP A 37 -18.09 2.82 -7.97
N ASN A 38 -17.95 1.77 -8.80
CA ASN A 38 -17.49 1.87 -10.19
C ASN A 38 -16.22 2.71 -10.36
N TYR A 39 -15.26 2.38 -9.49
CA TYR A 39 -13.93 2.98 -9.40
C TYR A 39 -13.84 4.50 -9.11
N ILE A 40 -14.58 4.93 -8.10
CA ILE A 40 -14.57 6.33 -7.64
C ILE A 40 -13.68 6.24 -6.38
N GLY A 41 -13.69 5.06 -5.78
CA GLY A 41 -12.94 4.79 -4.57
C GLY A 41 -13.80 5.10 -3.38
N TYR A 42 -13.20 5.12 -2.21
CA TYR A 42 -13.91 5.42 -0.98
C TYR A 42 -13.64 6.85 -0.56
N GLY A 43 -13.01 7.61 -1.45
CA GLY A 43 -12.69 9.00 -1.17
C GLY A 43 -13.87 9.90 -0.82
N PRO A 44 -14.91 9.98 -1.69
CA PRO A 44 -16.08 10.81 -1.42
C PRO A 44 -16.93 10.39 -0.22
N VAL A 45 -17.15 9.09 -0.06
CA VAL A 45 -17.96 8.60 1.08
C VAL A 45 -17.31 8.92 2.43
N LEU A 46 -16.00 9.19 2.41
CA LEU A 46 -15.27 9.56 3.61
C LEU A 46 -15.47 11.02 3.91
N VAL A 47 -15.48 11.89 2.89
CA VAL A 47 -15.70 13.32 3.16
C VAL A 47 -17.16 13.57 3.50
N ARG A 48 -18.04 12.72 2.98
CA ARG A 48 -19.45 12.82 3.30
C ARG A 48 -19.68 12.29 4.72
N LEU A 49 -18.82 11.37 5.17
CA LEU A 49 -18.90 10.82 6.52
C LEU A 49 -18.49 11.84 7.55
N ALA A 50 -17.37 12.53 7.29
CA ALA A 50 -16.85 13.58 8.18
C ALA A 50 -17.82 14.74 8.28
N TRP A 51 -18.54 15.02 7.19
CA TRP A 51 -19.50 16.09 7.18
C TRP A 51 -20.80 15.77 7.97
N HIS A 52 -21.30 14.55 7.84
CA HIS A 52 -22.51 14.11 8.55
C HIS A 52 -22.39 13.89 10.04
N THR A 53 -21.20 13.54 10.49
CA THR A 53 -20.96 13.33 11.91
C THR A 53 -20.79 14.68 12.59
N SER A 54 -20.42 15.70 11.81
CA SER A 54 -20.19 17.08 12.28
C SER A 54 -21.39 17.98 11.97
N GLY A 55 -22.21 17.54 11.01
CA GLY A 55 -23.38 18.29 10.57
C GLY A 55 -24.55 18.27 11.51
N THR A 56 -24.42 17.47 12.57
CA THR A 56 -25.45 17.32 13.58
C THR A 56 -25.39 18.38 14.68
N TRP A 57 -24.40 19.28 14.60
CA TRP A 57 -24.22 20.34 15.58
C TRP A 57 -25.33 21.37 15.58
N ASP A 58 -25.60 21.89 16.77
CA ASP A 58 -26.62 22.91 17.02
C ASP A 58 -25.90 23.90 17.93
N LYS A 59 -25.61 25.09 17.40
CA LYS A 59 -24.87 26.15 18.14
C LYS A 59 -25.51 26.71 19.41
N HIS A 60 -26.84 26.58 19.49
CA HIS A 60 -27.63 27.07 20.59
C HIS A 60 -27.41 26.34 21.90
N ASP A 61 -27.36 25.02 21.83
CA ASP A 61 -27.19 24.16 23.00
C ASP A 61 -25.94 23.26 23.01
N ASN A 62 -25.10 23.41 21.99
CA ASN A 62 -23.84 22.65 21.78
C ASN A 62 -23.97 21.14 21.56
N THR A 63 -25.21 20.68 21.36
CA THR A 63 -25.50 19.27 21.12
C THR A 63 -25.06 18.85 19.71
N GLY A 64 -24.63 17.60 19.58
CA GLY A 64 -24.16 17.09 18.31
C GLY A 64 -22.72 17.47 18.01
N GLY A 65 -22.32 17.28 16.76
CA GLY A 65 -20.97 17.59 16.35
C GLY A 65 -20.10 16.35 16.24
N SER A 66 -18.85 16.54 15.81
CA SER A 66 -17.89 15.45 15.64
C SER A 66 -17.29 14.89 16.93
N TYR A 67 -17.27 15.71 18.00
CA TYR A 67 -16.71 15.36 19.31
C TYR A 67 -17.02 13.96 19.83
N GLY A 68 -18.30 13.74 20.16
CA GLY A 68 -18.74 12.47 20.70
C GLY A 68 -18.55 11.19 19.95
N GLY A 69 -18.35 11.29 18.62
CA GLY A 69 -18.19 10.12 17.76
C GLY A 69 -19.40 9.21 17.81
N THR A 70 -20.55 9.81 18.11
CA THR A 70 -21.85 9.14 18.27
C THR A 70 -22.48 8.38 17.09
N TYR A 71 -21.85 8.50 15.91
CA TYR A 71 -22.30 7.83 14.68
C TYR A 71 -22.26 6.29 14.80
N ARG A 72 -21.53 5.81 15.81
CA ARG A 72 -21.41 4.37 16.09
C ARG A 72 -22.67 3.77 16.70
N PHE A 73 -23.48 4.63 17.34
CA PHE A 73 -24.72 4.18 17.96
C PHE A 73 -25.83 4.07 16.91
N LYS A 74 -26.60 2.99 17.03
CA LYS A 74 -27.72 2.62 16.16
C LYS A 74 -28.61 3.77 15.67
N LYS A 75 -29.00 4.66 16.58
CA LYS A 75 -29.89 5.80 16.27
C LYS A 75 -29.40 6.72 15.12
N GLU A 76 -28.17 7.22 15.21
CA GLU A 76 -27.56 8.11 14.20
C GLU A 76 -27.06 7.33 12.99
N PHE A 77 -26.67 6.07 13.21
CA PHE A 77 -26.16 5.15 12.18
C PHE A 77 -27.29 4.90 11.17
N ASN A 78 -28.48 4.64 11.71
CA ASN A 78 -29.66 4.36 10.92
C ASN A 78 -30.52 5.58 10.53
N ASP A 79 -29.90 6.77 10.54
CA ASP A 79 -30.56 8.03 10.14
C ASP A 79 -30.82 7.89 8.63
N PRO A 80 -32.07 8.14 8.18
CA PRO A 80 -32.40 8.03 6.75
C PRO A 80 -31.54 8.95 5.86
N SER A 81 -30.99 10.00 6.48
CA SER A 81 -30.12 10.93 5.78
C SER A 81 -28.66 10.44 5.78
N ASN A 82 -28.35 9.42 6.57
CA ASN A 82 -27.01 8.84 6.64
C ASN A 82 -26.90 7.58 5.78
N ALA A 83 -27.84 7.38 4.85
CA ALA A 83 -27.85 6.20 3.99
C ALA A 83 -26.68 6.12 3.02
N GLY A 84 -25.98 4.98 3.07
CA GLY A 84 -24.82 4.74 2.23
C GLY A 84 -23.53 4.95 2.98
N LEU A 85 -23.59 5.70 4.09
CA LEU A 85 -22.43 6.00 4.93
C LEU A 85 -21.90 4.81 5.72
N GLN A 86 -22.69 3.74 5.78
CA GLN A 86 -22.33 2.51 6.47
C GLN A 86 -21.08 1.94 5.81
N ASN A 87 -20.93 2.25 4.52
CA ASN A 87 -19.80 1.83 3.70
C ASN A 87 -18.52 2.59 4.08
N GLY A 88 -18.68 3.78 4.65
CA GLY A 88 -17.57 4.60 5.09
C GLY A 88 -17.04 4.08 6.42
N PHE A 89 -17.95 3.55 7.24
CA PHE A 89 -17.66 2.98 8.55
C PHE A 89 -16.95 1.60 8.43
N LYS A 90 -17.37 0.79 7.44
CA LYS A 90 -16.79 -0.54 7.22
C LYS A 90 -15.37 -0.42 6.71
N PHE A 91 -15.10 0.71 6.07
CA PHE A 91 -13.78 1.05 5.51
C PHE A 91 -12.86 1.48 6.65
N LEU A 92 -13.44 2.12 7.67
CA LEU A 92 -12.66 2.61 8.80
C LEU A 92 -12.49 1.68 10.00
N GLU A 93 -13.40 0.74 10.24
CA GLU A 93 -13.20 -0.14 11.39
C GLU A 93 -11.95 -1.07 11.41
N PRO A 94 -11.42 -1.52 10.24
CA PRO A 94 -10.22 -2.37 10.27
C PRO A 94 -9.01 -1.51 10.71
N ILE A 95 -9.14 -0.21 10.45
CA ILE A 95 -8.16 0.83 10.79
C ILE A 95 -8.32 1.28 12.24
N HIS A 96 -9.51 1.06 12.81
CA HIS A 96 -9.76 1.42 14.20
C HIS A 96 -9.25 0.29 15.08
N LYS A 97 -9.30 -0.94 14.58
CA LYS A 97 -8.83 -2.12 15.30
C LYS A 97 -7.29 -2.22 15.32
N GLU A 98 -6.68 -1.45 14.42
CA GLU A 98 -5.24 -1.34 14.23
C GLU A 98 -4.70 -0.18 15.10
N PHE A 99 -5.60 0.73 15.47
CA PHE A 99 -5.29 1.90 16.31
C PHE A 99 -6.47 2.05 17.32
N PRO A 100 -6.66 1.10 18.28
CA PRO A 100 -7.78 1.20 19.24
C PRO A 100 -7.84 2.37 20.22
N TRP A 101 -6.75 3.13 20.30
CA TRP A 101 -6.62 4.29 21.19
C TRP A 101 -7.35 5.53 20.70
N ILE A 102 -7.39 5.70 19.37
CA ILE A 102 -8.04 6.85 18.72
C ILE A 102 -9.55 6.82 18.92
N SER A 103 -10.11 7.99 19.20
CA SER A 103 -11.54 8.15 19.41
C SER A 103 -12.29 8.09 18.10
N SER A 104 -13.58 7.76 18.19
CA SER A 104 -14.43 7.64 17.01
C SER A 104 -14.56 8.90 16.18
N GLY A 105 -14.76 10.03 16.87
CA GLY A 105 -14.89 11.31 16.21
C GLY A 105 -13.63 11.71 15.50
N ASP A 106 -12.49 11.47 16.16
CA ASP A 106 -11.18 11.76 15.62
C ASP A 106 -10.91 10.98 14.33
N LEU A 107 -11.39 9.74 14.28
CA LEU A 107 -11.22 8.85 13.14
C LEU A 107 -12.06 9.21 11.92
N PHE A 108 -13.35 9.48 12.14
CA PHE A 108 -14.28 9.84 11.07
C PHE A 108 -13.91 11.17 10.44
N SER A 109 -13.48 12.12 11.28
CA SER A 109 -13.07 13.44 10.83
C SER A 109 -11.73 13.38 10.11
N LEU A 110 -10.86 12.49 10.60
CA LEU A 110 -9.54 12.30 10.01
C LEU A 110 -9.71 11.59 8.68
N GLY A 111 -10.78 10.82 8.57
CA GLY A 111 -11.09 10.11 7.33
C GLY A 111 -11.43 11.08 6.21
N GLY A 112 -12.15 12.16 6.59
CA GLY A 112 -12.55 13.19 5.65
C GLY A 112 -11.39 14.03 5.16
N VAL A 113 -10.51 14.39 6.08
CA VAL A 113 -9.30 15.18 5.85
C VAL A 113 -8.29 14.40 4.99
N THR A 114 -8.15 13.11 5.27
CA THR A 114 -7.23 12.23 4.53
C THR A 114 -7.70 12.11 3.09
N ALA A 115 -9.00 11.91 2.91
CA ALA A 115 -9.61 11.77 1.61
C ALA A 115 -9.47 13.02 0.72
N VAL A 116 -9.73 14.20 1.27
CA VAL A 116 -9.62 15.44 0.50
C VAL A 116 -8.17 15.65 0.05
N GLN A 117 -7.25 15.56 1.02
CA GLN A 117 -5.82 15.73 0.76
C GLN A 117 -5.28 14.74 -0.28
N GLU A 118 -5.72 13.48 -0.16
CA GLU A 118 -5.31 12.44 -1.09
C GLU A 118 -5.90 12.57 -2.47
N MET A 119 -7.05 13.23 -2.55
CA MET A 119 -7.69 13.46 -3.84
C MET A 119 -7.19 14.78 -4.40
N GLN A 120 -5.91 15.05 -4.13
CA GLN A 120 -5.17 16.23 -4.57
C GLN A 120 -5.80 17.57 -4.20
N GLY A 121 -6.39 17.61 -3.00
CA GLY A 121 -7.03 18.83 -2.53
C GLY A 121 -6.15 19.68 -1.62
N PRO A 122 -6.70 20.74 -0.99
CA PRO A 122 -5.91 21.60 -0.10
C PRO A 122 -5.50 20.89 1.17
N LYS A 123 -4.48 21.43 1.83
CA LYS A 123 -3.99 20.88 3.09
C LYS A 123 -4.91 21.37 4.20
N ILE A 124 -5.60 20.42 4.83
CA ILE A 124 -6.54 20.74 5.91
C ILE A 124 -5.99 20.50 7.31
N PRO A 125 -5.75 21.59 8.07
CA PRO A 125 -5.23 21.47 9.44
C PRO A 125 -6.24 20.66 10.27
N TRP A 126 -5.75 19.64 10.95
CA TRP A 126 -6.62 18.81 11.77
C TRP A 126 -6.12 18.75 13.20
N ARG A 127 -7.06 18.72 14.13
CA ARG A 127 -6.74 18.65 15.55
C ARG A 127 -7.28 17.40 16.23
N CYS A 128 -6.51 16.87 17.16
CA CYS A 128 -6.93 15.71 17.92
C CYS A 128 -7.65 16.17 19.17
N GLY A 129 -8.18 15.24 19.93
CA GLY A 129 -8.83 15.62 21.16
C GLY A 129 -10.27 15.26 21.36
N ARG A 130 -10.97 14.87 20.30
CA ARG A 130 -12.38 14.48 20.40
C ARG A 130 -12.44 13.23 21.25
N VAL A 131 -13.38 13.21 22.18
CA VAL A 131 -13.56 12.08 23.10
C VAL A 131 -14.98 11.49 23.00
N ASP A 132 -15.03 10.16 22.95
CA ASP A 132 -16.26 9.38 22.86
C ASP A 132 -17.21 9.63 24.04
N THR A 133 -18.46 9.95 23.71
CA THR A 133 -19.51 10.24 24.69
C THR A 133 -20.53 9.04 24.62
N PRO A 134 -21.42 8.82 25.65
CA PRO A 134 -22.34 7.67 25.57
C PRO A 134 -23.59 7.81 24.71
N GLU A 135 -24.36 6.73 24.66
CA GLU A 135 -25.59 6.61 23.88
C GLU A 135 -26.67 7.68 24.16
N ASP A 136 -26.64 8.29 25.36
CA ASP A 136 -27.62 9.32 25.70
C ASP A 136 -27.32 10.72 25.11
N THR A 137 -26.12 10.87 24.56
CA THR A 137 -25.71 12.13 23.94
C THR A 137 -25.88 12.11 22.41
N THR A 138 -26.34 10.96 21.90
CA THR A 138 -26.58 10.74 20.46
C THR A 138 -27.75 11.62 19.99
N PRO A 139 -27.50 12.50 18.99
CA PRO A 139 -28.51 13.42 18.44
C PRO A 139 -29.65 12.73 17.69
N ASP A 140 -30.86 13.25 17.90
CA ASP A 140 -32.06 12.73 17.25
C ASP A 140 -32.06 13.09 15.79
N ASN A 141 -32.45 12.11 14.96
CA ASN A 141 -32.50 12.21 13.50
C ASN A 141 -33.17 13.45 12.93
N GLY A 142 -32.80 13.75 11.68
CA GLY A 142 -33.36 14.88 10.96
C GLY A 142 -32.70 16.22 11.18
N ARG A 143 -31.49 16.24 11.74
CA ARG A 143 -30.77 17.52 11.96
C ARG A 143 -30.01 17.93 10.70
N LEU A 144 -29.77 16.94 9.83
CA LEU A 144 -29.07 17.08 8.56
C LEU A 144 -30.00 17.73 7.54
N PRO A 145 -29.45 18.34 6.45
CA PRO A 145 -30.26 19.01 5.42
C PRO A 145 -31.03 18.20 4.38
N ASP A 146 -32.10 18.82 3.87
CA ASP A 146 -32.95 18.24 2.82
C ASP A 146 -32.48 18.85 1.49
N ALA A 147 -32.35 18.01 0.47
CA ALA A 147 -31.89 18.44 -0.84
C ALA A 147 -32.94 19.16 -1.69
N ASP A 148 -34.19 18.74 -1.55
CA ASP A 148 -35.34 19.29 -2.28
C ASP A 148 -35.77 20.69 -1.77
N LYS A 149 -34.80 21.57 -1.53
CA LYS A 149 -35.08 22.91 -1.02
C LYS A 149 -34.45 24.02 -1.85
N ASP A 150 -34.52 25.26 -1.35
CA ASP A 150 -34.00 26.44 -2.02
C ASP A 150 -32.91 27.20 -1.23
N ALA A 151 -32.48 28.34 -1.79
CA ALA A 151 -31.45 29.21 -1.19
C ALA A 151 -31.77 29.76 0.19
N ASP A 152 -33.04 30.07 0.43
CA ASP A 152 -33.50 30.59 1.71
C ASP A 152 -33.39 29.55 2.83
N TYR A 153 -33.48 28.27 2.46
CA TYR A 153 -33.37 27.17 3.40
C TYR A 153 -31.92 27.00 3.79
N VAL A 154 -31.07 26.88 2.77
CA VAL A 154 -29.61 26.67 2.86
C VAL A 154 -28.94 27.72 3.76
N ARG A 155 -29.34 28.98 3.57
CA ARG A 155 -28.82 30.11 4.35
C ARG A 155 -29.18 30.05 5.82
N THR A 156 -30.41 29.62 6.12
CA THR A 156 -30.89 29.53 7.49
C THR A 156 -30.57 28.20 8.15
N PHE A 157 -30.23 27.20 7.33
CA PHE A 157 -29.86 25.89 7.84
C PHE A 157 -28.48 25.98 8.43
N PHE A 158 -27.55 26.50 7.62
CA PHE A 158 -26.15 26.65 7.99
C PHE A 158 -25.88 27.68 9.07
N GLN A 159 -26.85 28.53 9.35
CA GLN A 159 -26.71 29.52 10.40
C GLN A 159 -26.61 28.75 11.73
N ARG A 160 -27.20 27.55 11.78
CA ARG A 160 -27.19 26.69 12.97
C ARG A 160 -25.80 26.06 13.15
N LEU A 161 -25.05 25.99 12.06
CA LEU A 161 -23.69 25.44 12.07
C LEU A 161 -22.66 26.56 12.17
N ASN A 162 -23.14 27.79 12.40
CA ASN A 162 -22.32 29.02 12.53
C ASN A 162 -21.47 29.23 11.28
N MET A 163 -22.13 29.13 10.13
CA MET A 163 -21.49 29.30 8.83
C MET A 163 -22.15 30.45 8.10
N ASN A 164 -21.34 31.29 7.45
CA ASN A 164 -21.84 32.44 6.68
C ASN A 164 -21.92 32.08 5.20
N ASP A 165 -22.35 33.02 4.35
CA ASP A 165 -22.51 32.83 2.90
C ASP A 165 -21.29 32.21 2.17
N ARG A 166 -20.12 32.81 2.42
CA ARG A 166 -18.81 32.40 1.87
C ARG A 166 -18.38 30.98 2.33
N GLU A 167 -18.77 30.61 3.55
CA GLU A 167 -18.44 29.29 4.10
C GLU A 167 -19.26 28.14 3.50
N VAL A 168 -20.58 28.32 3.38
CA VAL A 168 -21.45 27.28 2.81
C VAL A 168 -21.19 27.04 1.30
N VAL A 169 -20.91 28.11 0.54
CA VAL A 169 -20.61 27.99 -0.90
C VAL A 169 -19.29 27.22 -1.07
N ALA A 170 -18.33 27.52 -0.19
CA ALA A 170 -17.02 26.84 -0.19
C ALA A 170 -17.18 25.36 0.16
N LEU A 171 -17.93 25.09 1.25
CA LEU A 171 -18.22 23.73 1.71
C LEU A 171 -19.00 22.87 0.71
N MET A 172 -19.78 23.53 -0.14
CA MET A 172 -20.60 22.86 -1.15
C MET A 172 -19.76 22.42 -2.34
N GLY A 173 -18.57 22.99 -2.45
CA GLY A 173 -17.64 22.65 -3.52
C GLY A 173 -17.09 21.23 -3.45
N ALA A 174 -17.40 20.55 -2.34
CA ALA A 174 -16.97 19.18 -2.10
C ALA A 174 -17.85 18.22 -2.90
N HIS A 175 -18.85 18.79 -3.56
CA HIS A 175 -19.77 18.04 -4.40
C HIS A 175 -19.16 17.76 -5.75
N ALA A 176 -17.93 18.23 -5.93
CA ALA A 176 -17.15 17.99 -7.14
C ALA A 176 -16.71 16.51 -7.06
N LEU A 177 -16.82 15.96 -5.84
CA LEU A 177 -16.48 14.58 -5.51
C LEU A 177 -17.69 13.70 -5.42
N GLY A 178 -17.59 12.51 -5.99
CA GLY A 178 -18.66 11.54 -5.95
C GLY A 178 -19.89 11.69 -6.80
N LYS A 179 -20.96 11.07 -6.31
CA LYS A 179 -22.26 11.04 -6.96
C LYS A 179 -23.42 10.87 -5.99
N THR A 180 -24.63 10.99 -6.51
CA THR A 180 -25.83 10.78 -5.72
C THR A 180 -26.31 9.40 -6.15
N HIS A 181 -26.65 8.57 -5.17
CA HIS A 181 -27.10 7.20 -5.41
C HIS A 181 -28.60 7.09 -5.16
N LEU A 182 -29.32 6.53 -6.14
CA LEU A 182 -30.79 6.41 -6.06
C LEU A 182 -31.26 5.59 -4.88
N LYS A 183 -30.56 4.49 -4.61
CA LYS A 183 -30.89 3.61 -3.48
C LYS A 183 -30.61 4.25 -2.10
N ASN A 184 -29.78 5.30 -2.07
CA ASN A 184 -29.41 6.01 -0.83
C ASN A 184 -30.26 7.24 -0.46
N SER A 185 -30.35 8.19 -1.40
CA SER A 185 -31.06 9.46 -1.19
C SER A 185 -32.25 9.81 -2.08
N GLY A 186 -32.46 9.06 -3.17
CA GLY A 186 -33.56 9.34 -4.07
C GLY A 186 -33.17 10.22 -5.25
N TYR A 187 -31.87 10.46 -5.39
CA TYR A 187 -31.32 11.27 -6.48
C TYR A 187 -30.20 10.44 -7.17
N GLU A 188 -30.05 10.54 -8.49
CA GLU A 188 -29.03 9.75 -9.20
C GLU A 188 -28.12 10.50 -10.17
N GLY A 189 -26.83 10.14 -10.15
CA GLY A 189 -25.84 10.71 -11.04
C GLY A 189 -24.79 11.62 -10.39
N PRO A 190 -23.65 11.90 -11.07
CA PRO A 190 -22.58 12.76 -10.54
C PRO A 190 -22.73 14.23 -10.86
N TRP A 191 -21.96 15.08 -10.16
CA TRP A 191 -21.99 16.53 -10.38
C TRP A 191 -20.96 16.91 -11.41
N GLY A 192 -20.01 16.00 -11.62
CA GLY A 192 -18.95 16.21 -12.58
C GLY A 192 -18.46 14.93 -13.23
N ALA A 193 -17.27 15.01 -13.84
CA ALA A 193 -16.64 13.87 -14.52
C ALA A 193 -15.44 13.36 -13.72
N ALA A 194 -14.83 14.26 -12.94
CA ALA A 194 -13.67 13.96 -12.11
C ALA A 194 -14.11 13.65 -10.65
N ASN A 195 -14.92 12.61 -10.50
CA ASN A 195 -15.50 12.16 -9.22
C ASN A 195 -14.58 11.87 -8.03
N ASN A 196 -13.27 11.69 -8.28
CA ASN A 196 -12.32 11.40 -7.20
C ASN A 196 -11.05 12.27 -7.14
N VAL A 197 -11.20 13.51 -7.59
CA VAL A 197 -10.12 14.49 -7.58
C VAL A 197 -10.77 15.84 -7.36
N PHE A 198 -10.38 16.40 -6.23
CA PHE A 198 -10.84 17.67 -5.69
C PHE A 198 -10.46 18.93 -6.48
N THR A 199 -11.39 19.38 -7.32
CA THR A 199 -11.21 20.60 -8.12
C THR A 199 -12.43 21.50 -7.92
N ASN A 200 -12.45 22.59 -8.70
CA ASN A 200 -13.54 23.57 -8.67
C ASN A 200 -14.57 23.30 -9.77
N GLU A 201 -14.59 22.04 -10.22
CA GLU A 201 -15.50 21.57 -11.26
C GLU A 201 -16.96 21.85 -10.96
N PHE A 202 -17.32 21.73 -9.68
CA PHE A 202 -18.66 21.97 -9.17
C PHE A 202 -19.21 23.34 -9.58
N TYR A 203 -18.37 24.37 -9.43
CA TYR A 203 -18.75 25.74 -9.77
C TYR A 203 -18.77 25.96 -11.28
N LEU A 204 -17.79 25.41 -11.97
CA LEU A 204 -17.70 25.53 -13.41
C LEU A 204 -18.93 24.91 -14.06
N ASN A 205 -19.23 23.66 -13.71
CA ASN A 205 -20.39 22.93 -14.24
C ASN A 205 -21.74 23.56 -13.90
N LEU A 206 -21.80 24.27 -12.78
CA LEU A 206 -23.03 24.92 -12.32
C LEU A 206 -23.43 26.07 -13.25
N LEU A 207 -22.44 26.88 -13.65
CA LEU A 207 -22.68 28.00 -14.54
C LEU A 207 -22.46 27.77 -16.04
N ASN A 208 -21.61 26.79 -16.37
CA ASN A 208 -21.28 26.46 -17.77
C ASN A 208 -22.16 25.42 -18.44
N GLU A 209 -22.94 24.70 -17.65
CA GLU A 209 -23.80 23.67 -18.22
C GLU A 209 -25.25 24.04 -18.51
N ASP A 210 -25.86 23.17 -19.31
CA ASP A 210 -27.23 23.29 -19.77
C ASP A 210 -28.17 22.53 -18.87
N TRP A 211 -28.68 23.23 -17.85
CA TRP A 211 -29.58 22.61 -16.89
C TRP A 211 -31.07 22.62 -17.19
N LYS A 212 -31.62 21.40 -17.25
CA LYS A 212 -33.02 21.12 -17.49
C LYS A 212 -33.55 20.38 -16.27
N LEU A 213 -34.71 20.81 -15.74
CA LEU A 213 -35.32 20.16 -14.58
C LEU A 213 -36.19 18.98 -15.03
N GLU A 214 -35.83 17.78 -14.57
CA GLU A 214 -36.55 16.54 -14.89
C GLU A 214 -36.84 15.79 -13.59
N LYS A 215 -37.47 14.61 -13.70
CA LYS A 215 -37.74 13.75 -12.55
C LYS A 215 -36.94 12.48 -12.81
N ASN A 216 -36.49 11.85 -11.74
CA ASN A 216 -35.73 10.61 -11.84
C ASN A 216 -36.67 9.43 -11.55
N ASP A 217 -36.09 8.23 -11.42
CA ASP A 217 -36.84 7.01 -11.15
C ASP A 217 -37.36 6.89 -9.69
N ALA A 218 -36.93 7.80 -8.82
CA ALA A 218 -37.37 7.81 -7.43
C ALA A 218 -38.44 8.88 -7.27
N ASN A 219 -38.85 9.43 -8.42
CA ASN A 219 -39.88 10.45 -8.56
C ASN A 219 -39.54 11.86 -8.06
N ASN A 220 -38.29 12.04 -7.60
CA ASN A 220 -37.81 13.34 -7.09
C ASN A 220 -37.28 14.18 -8.26
N GLU A 221 -37.36 15.49 -8.12
CA GLU A 221 -36.89 16.38 -9.18
C GLU A 221 -35.46 16.86 -9.00
N GLN A 222 -34.70 16.77 -10.08
CA GLN A 222 -33.29 17.20 -10.11
C GLN A 222 -32.97 17.83 -11.46
N TRP A 223 -31.92 18.64 -11.47
CA TRP A 223 -31.44 19.35 -12.66
C TRP A 223 -30.41 18.51 -13.38
N ASP A 224 -30.69 18.15 -14.62
CA ASP A 224 -29.77 17.33 -15.42
C ASP A 224 -29.25 18.07 -16.63
N SER A 225 -28.01 17.78 -17.00
CA SER A 225 -27.38 18.39 -18.17
C SER A 225 -27.26 17.35 -19.27
N LYS A 226 -26.93 17.85 -20.47
CA LYS A 226 -26.74 17.01 -21.66
C LYS A 226 -25.48 16.14 -21.53
N SER A 227 -24.54 16.62 -20.72
CA SER A 227 -23.26 15.96 -20.42
C SER A 227 -23.41 14.70 -19.54
N GLY A 228 -24.61 14.51 -18.98
CA GLY A 228 -24.92 13.37 -18.13
C GLY A 228 -24.85 13.62 -16.64
N TYR A 229 -24.46 14.85 -16.27
CA TYR A 229 -24.32 15.26 -14.88
C TYR A 229 -25.67 15.61 -14.22
N MET A 230 -25.60 16.00 -12.95
CA MET A 230 -26.76 16.39 -12.15
C MET A 230 -26.42 17.41 -11.08
N MET A 231 -27.45 18.03 -10.52
CA MET A 231 -27.35 19.02 -9.44
C MET A 231 -28.60 18.88 -8.59
N LEU A 232 -28.45 18.99 -7.28
CA LEU A 232 -29.60 18.90 -6.37
C LEU A 232 -30.27 20.29 -6.34
N PRO A 233 -31.55 20.38 -5.92
CA PRO A 233 -32.18 21.70 -5.88
C PRO A 233 -31.41 22.70 -5.01
N THR A 234 -30.79 22.20 -3.94
CA THR A 234 -29.98 23.02 -3.04
C THR A 234 -28.69 23.46 -3.70
N ASP A 235 -28.20 22.65 -4.64
CA ASP A 235 -26.98 22.95 -5.41
C ASP A 235 -27.28 24.08 -6.37
N TYR A 236 -28.36 23.89 -7.15
CA TYR A 236 -28.81 24.85 -8.17
C TYR A 236 -29.17 26.18 -7.55
N SER A 237 -29.62 26.13 -6.29
CA SER A 237 -30.00 27.35 -5.58
C SER A 237 -28.84 28.31 -5.36
N LEU A 238 -27.62 27.78 -5.51
CA LEU A 238 -26.41 28.56 -5.34
C LEU A 238 -26.21 29.58 -6.46
N ILE A 239 -26.84 29.36 -7.62
CA ILE A 239 -26.76 30.31 -8.73
C ILE A 239 -28.04 31.12 -8.86
N GLN A 240 -29.07 30.71 -8.13
CA GLN A 240 -30.35 31.40 -8.14
C GLN A 240 -30.31 32.62 -7.22
N ASP A 241 -29.60 32.49 -6.11
CA ASP A 241 -29.47 33.59 -5.15
C ASP A 241 -28.36 34.52 -5.67
N PRO A 242 -28.60 35.86 -5.69
CA PRO A 242 -27.61 36.85 -6.17
C PRO A 242 -26.31 36.98 -5.37
N LYS A 243 -26.39 36.70 -4.05
CA LYS A 243 -25.26 36.75 -3.11
C LYS A 243 -24.40 35.49 -3.21
N TYR A 244 -25.04 34.34 -3.40
CA TYR A 244 -24.34 33.06 -3.53
C TYR A 244 -23.74 32.91 -4.90
N LEU A 245 -24.36 33.54 -5.89
CA LEU A 245 -23.95 33.52 -7.30
C LEU A 245 -22.62 34.23 -7.56
N SER A 246 -22.36 35.32 -6.85
CA SER A 246 -21.11 36.08 -7.01
C SER A 246 -19.88 35.45 -6.32
N ILE A 247 -20.13 34.40 -5.53
CA ILE A 247 -19.08 33.65 -4.82
C ILE A 247 -18.82 32.37 -5.65
N VAL A 248 -19.87 31.84 -6.29
CA VAL A 248 -19.80 30.65 -7.16
C VAL A 248 -18.96 31.01 -8.38
N LYS A 249 -19.11 32.26 -8.81
CA LYS A 249 -18.41 32.85 -9.96
C LYS A 249 -16.93 33.07 -9.67
N GLU A 250 -16.64 33.52 -8.45
CA GLU A 250 -15.29 33.80 -7.95
C GLU A 250 -14.42 32.53 -7.88
N TYR A 251 -15.01 31.45 -7.40
CA TYR A 251 -14.32 30.17 -7.26
C TYR A 251 -14.13 29.45 -8.59
N ALA A 252 -14.95 29.82 -9.58
CA ALA A 252 -14.90 29.25 -10.92
C ALA A 252 -13.70 29.83 -11.68
N ASN A 253 -13.27 31.04 -11.26
CA ASN A 253 -12.13 31.73 -11.85
C ASN A 253 -10.84 31.39 -11.11
N ASP A 254 -10.93 31.38 -9.78
CA ASP A 254 -9.80 31.10 -8.92
C ASP A 254 -9.99 29.83 -8.08
N GLN A 255 -9.19 28.81 -8.37
CA GLN A 255 -9.25 27.54 -7.64
C GLN A 255 -8.48 27.67 -6.33
N ASP A 256 -7.39 28.44 -6.36
CA ASP A 256 -6.57 28.64 -5.17
C ASP A 256 -7.27 29.40 -4.05
N LYS A 257 -8.27 30.22 -4.41
CA LYS A 257 -9.06 30.97 -3.42
C LYS A 257 -10.07 30.00 -2.81
N PHE A 258 -10.56 29.06 -3.64
CA PHE A 258 -11.52 28.03 -3.22
C PHE A 258 -10.84 27.08 -2.24
N PHE A 259 -9.63 26.65 -2.58
CA PHE A 259 -8.82 25.76 -1.76
C PHE A 259 -8.48 26.42 -0.43
N LYS A 260 -8.29 27.74 -0.44
CA LYS A 260 -7.98 28.54 0.76
C LYS A 260 -9.18 28.66 1.69
N ASP A 261 -10.37 28.79 1.10
CA ASP A 261 -11.63 28.94 1.83
C ASP A 261 -12.29 27.63 2.32
N PHE A 262 -12.13 26.53 1.56
CA PHE A 262 -12.67 25.22 1.94
C PHE A 262 -11.98 24.75 3.19
N SER A 263 -10.65 24.73 3.15
CA SER A 263 -9.81 24.29 4.27
C SER A 263 -10.12 25.03 5.56
N LYS A 264 -10.47 26.32 5.47
CA LYS A 264 -10.81 27.13 6.63
C LYS A 264 -12.16 26.64 7.17
N ALA A 265 -13.11 26.53 6.24
CA ALA A 265 -14.48 26.08 6.51
C ALA A 265 -14.64 24.62 6.96
N PHE A 266 -13.99 23.70 6.24
CA PHE A 266 -14.06 22.26 6.55
C PHE A 266 -13.45 21.95 7.90
N GLU A 267 -12.36 22.66 8.23
CA GLU A 267 -11.70 22.47 9.51
C GLU A 267 -12.68 22.92 10.59
N LYS A 268 -13.26 24.11 10.38
CA LYS A 268 -14.23 24.73 11.29
C LYS A 268 -15.43 23.82 11.52
N LEU A 269 -15.90 23.18 10.44
CA LEU A 269 -17.04 22.27 10.48
C LEU A 269 -16.75 21.07 11.36
N LEU A 270 -15.55 20.50 11.23
CA LEU A 270 -15.13 19.34 12.00
C LEU A 270 -14.69 19.70 13.44
N GLU A 271 -14.48 20.97 13.71
CA GLU A 271 -14.06 21.43 15.04
C GLU A 271 -15.15 22.17 15.78
N ASN A 272 -16.31 22.24 15.15
CA ASN A 272 -17.47 22.91 15.72
C ASN A 272 -17.95 22.24 16.99
N GLY A 273 -18.00 23.03 18.07
CA GLY A 273 -18.46 22.57 19.37
C GLY A 273 -17.45 21.82 20.19
N ILE A 274 -16.17 22.11 19.95
CA ILE A 274 -15.05 21.51 20.66
C ILE A 274 -14.19 22.64 21.23
N THR A 275 -13.93 22.58 22.54
CA THR A 275 -13.10 23.59 23.20
C THR A 275 -11.70 23.03 23.37
N PHE A 276 -10.75 23.80 22.86
CA PHE A 276 -9.34 23.45 22.91
C PHE A 276 -8.66 24.24 24.02
N PRO A 277 -8.04 23.54 25.01
CA PRO A 277 -7.36 24.28 26.10
C PRO A 277 -6.14 24.98 25.47
N LYS A 278 -5.53 25.92 26.17
CA LYS A 278 -4.37 26.59 25.59
C LYS A 278 -3.09 25.76 25.61
N ASP A 279 -3.10 24.66 26.38
CA ASP A 279 -1.95 23.75 26.47
C ASP A 279 -1.99 22.67 25.37
N ALA A 280 -3.10 22.63 24.63
CA ALA A 280 -3.33 21.68 23.52
C ALA A 280 -2.40 22.00 22.35
N PRO A 281 -2.00 20.98 21.56
CA PRO A 281 -1.10 21.19 20.42
C PRO A 281 -1.67 21.94 19.21
N SER A 282 -0.78 22.66 18.53
CA SER A 282 -1.13 23.42 17.33
C SER A 282 -1.62 22.43 16.25
N PRO A 283 -2.60 22.81 15.41
CA PRO A 283 -3.10 21.90 14.36
C PRO A 283 -2.05 21.21 13.48
N PHE A 284 -2.29 19.93 13.22
CA PHE A 284 -1.39 19.09 12.42
C PHE A 284 -1.65 19.25 10.93
N ILE A 285 -0.58 19.24 10.13
CA ILE A 285 -0.68 19.32 8.67
C ILE A 285 0.01 18.02 8.26
N PHE A 286 -0.79 17.07 7.79
CA PHE A 286 -0.29 15.77 7.37
C PHE A 286 0.36 15.73 5.99
N LYS A 287 1.39 14.90 5.90
CA LYS A 287 2.17 14.67 4.68
C LYS A 287 1.37 13.66 3.88
N THR A 288 1.20 13.92 2.59
CA THR A 288 0.45 13.00 1.73
C THR A 288 1.27 11.76 1.42
N LEU A 289 0.64 10.79 0.75
CA LEU A 289 1.34 9.56 0.38
C LEU A 289 2.37 9.87 -0.70
N GLU A 290 2.09 10.90 -1.50
CA GLU A 290 2.98 11.36 -2.57
C GLU A 290 4.20 12.10 -1.99
N GLU A 291 3.99 12.83 -0.88
CA GLU A 291 5.05 13.59 -0.20
C GLU A 291 6.04 12.72 0.59
N GLN A 292 5.70 11.45 0.78
CA GLN A 292 6.56 10.49 1.48
C GLN A 292 7.12 9.44 0.53
N GLY A 293 6.99 9.70 -0.78
CA GLY A 293 7.52 8.79 -1.79
C GLY A 293 6.73 7.64 -2.34
N LEU A 294 5.46 7.56 -1.93
CA LEU A 294 4.58 6.49 -2.41
C LEU A 294 3.78 7.01 -3.61
N THR B 1 6.27 -8.20 -24.42
CA THR B 1 7.07 -6.96 -24.12
C THR B 1 7.17 -6.82 -22.59
N GLU B 2 7.60 -5.66 -22.07
CA GLU B 2 7.71 -5.41 -20.62
C GLU B 2 6.30 -5.34 -20.03
N PHE B 3 5.39 -4.78 -20.83
CA PHE B 3 3.96 -4.68 -20.51
C PHE B 3 3.53 -6.07 -20.98
N LYS B 4 2.66 -6.75 -20.25
CA LYS B 4 2.26 -8.07 -20.70
C LYS B 4 1.38 -7.99 -21.97
N ALA B 5 0.11 -8.34 -21.81
CA ALA B 5 -0.94 -8.35 -22.83
C ALA B 5 -1.89 -9.30 -22.14
N GLY B 6 -3.17 -8.90 -22.08
CA GLY B 6 -4.15 -9.73 -21.41
C GLY B 6 -5.57 -9.52 -21.78
N SER B 7 -6.11 -8.45 -21.17
CA SER B 7 -7.51 -8.22 -21.36
C SER B 7 -8.15 -7.12 -22.15
N ALA B 8 -8.94 -7.56 -23.14
CA ALA B 8 -9.73 -6.68 -24.02
C ALA B 8 -11.18 -6.62 -23.48
N LYS B 9 -11.55 -7.72 -22.82
CA LYS B 9 -12.87 -7.93 -22.18
C LYS B 9 -13.01 -7.30 -20.77
N LYS B 10 -11.95 -7.41 -19.98
CA LYS B 10 -11.86 -6.87 -18.63
C LYS B 10 -11.52 -5.37 -18.68
N GLY B 11 -10.70 -4.90 -19.66
CA GLY B 11 -10.32 -3.49 -19.80
C GLY B 11 -11.48 -2.68 -20.31
N ALA B 12 -12.52 -3.38 -20.79
CA ALA B 12 -13.74 -2.77 -21.32
C ALA B 12 -14.61 -2.29 -20.17
N THR B 13 -14.40 -2.85 -18.99
CA THR B 13 -15.14 -2.45 -17.80
C THR B 13 -14.36 -1.32 -17.12
N LEU B 14 -13.03 -1.44 -17.17
CA LEU B 14 -12.10 -0.47 -16.61
C LEU B 14 -12.14 0.87 -17.36
N PHE B 15 -12.48 0.78 -18.64
CA PHE B 15 -12.59 1.93 -19.54
C PHE B 15 -13.95 2.61 -19.39
N LYS B 16 -15.00 1.80 -19.38
CA LYS B 16 -16.36 2.31 -19.25
C LYS B 16 -16.68 2.96 -17.89
N THR B 17 -15.96 2.54 -16.84
CA THR B 17 -16.15 3.04 -15.48
C THR B 17 -15.17 4.15 -15.07
N ARG B 18 -13.90 4.01 -15.47
CA ARG B 18 -12.86 4.99 -15.15
C ARG B 18 -12.51 6.02 -16.23
N CYS B 19 -13.01 5.84 -17.45
CA CYS B 19 -12.66 6.75 -18.53
C CYS B 19 -13.77 7.31 -19.40
N LEU B 20 -14.80 6.49 -19.67
CA LEU B 20 -15.93 6.86 -20.55
C LEU B 20 -16.72 8.14 -20.25
N GLN B 21 -16.53 8.74 -19.08
CA GLN B 21 -17.19 10.00 -18.74
C GLN B 21 -16.59 11.15 -19.60
N CYS B 22 -15.65 10.75 -20.46
CA CYS B 22 -14.93 11.57 -21.44
C CYS B 22 -14.62 10.68 -22.68
N HIS B 23 -13.72 9.71 -22.47
CA HIS B 23 -13.19 8.76 -23.48
C HIS B 23 -14.17 8.05 -24.38
N THR B 24 -14.15 8.40 -25.67
CA THR B 24 -15.10 7.83 -26.64
C THR B 24 -14.78 6.51 -27.32
N VAL B 25 -15.89 5.89 -27.67
CA VAL B 25 -16.04 4.56 -28.25
C VAL B 25 -16.30 4.55 -29.78
N GLU B 26 -15.46 5.22 -30.60
CA GLU B 26 -15.67 5.33 -32.08
C GLU B 26 -14.77 6.42 -32.73
N LYS B 27 -14.43 6.27 -34.03
CA LYS B 27 -13.63 7.28 -34.78
C LYS B 27 -14.56 8.44 -35.07
N GLY B 28 -13.99 9.64 -35.11
CA GLY B 28 -14.77 10.83 -35.34
C GLY B 28 -15.45 11.23 -34.06
N GLY B 29 -15.36 10.30 -33.09
CA GLY B 29 -15.91 10.44 -31.75
C GLY B 29 -15.61 11.80 -31.13
N PRO B 30 -16.53 12.40 -30.40
CA PRO B 30 -16.32 13.72 -29.80
C PRO B 30 -15.32 13.86 -28.68
N HIS B 31 -14.72 15.05 -28.61
CA HIS B 31 -13.80 15.43 -27.52
C HIS B 31 -14.84 15.92 -26.53
N LYS B 32 -14.50 15.74 -25.29
CA LYS B 32 -15.40 16.23 -24.30
C LYS B 32 -14.49 17.00 -23.35
N VAL B 33 -14.44 16.49 -22.12
CA VAL B 33 -13.57 17.05 -21.09
C VAL B 33 -12.16 16.69 -21.61
N GLY B 34 -12.15 15.59 -22.37
CA GLY B 34 -10.94 15.06 -22.99
C GLY B 34 -11.11 14.62 -24.43
N PRO B 35 -10.01 14.42 -25.20
CA PRO B 35 -10.02 14.01 -26.61
C PRO B 35 -10.50 12.60 -26.93
N ASN B 36 -10.78 12.40 -28.21
CA ASN B 36 -11.18 11.12 -28.78
C ASN B 36 -9.86 10.37 -28.84
N LEU B 37 -9.84 9.18 -28.27
CA LEU B 37 -8.62 8.38 -28.24
C LEU B 37 -8.31 7.52 -29.45
N HIS B 38 -9.01 7.73 -30.57
CA HIS B 38 -8.74 6.93 -31.76
C HIS B 38 -7.45 7.37 -32.46
N GLY B 39 -6.60 6.38 -32.71
CA GLY B 39 -5.31 6.60 -33.34
C GLY B 39 -4.32 7.25 -32.39
N ILE B 40 -4.50 6.98 -31.08
CA ILE B 40 -3.64 7.53 -30.02
C ILE B 40 -2.23 6.91 -30.04
N PHE B 41 -2.16 5.59 -30.22
CA PHE B 41 -0.90 4.86 -30.29
C PHE B 41 -0.25 5.11 -31.65
N GLY B 42 0.99 5.59 -31.62
CA GLY B 42 1.70 5.90 -32.84
C GLY B 42 1.62 7.39 -33.17
N ARG B 43 0.91 8.15 -32.34
CA ARG B 43 0.72 9.59 -32.49
C ARG B 43 1.29 10.28 -31.25
N HIS B 44 1.73 11.53 -31.42
CA HIS B 44 2.32 12.29 -30.32
C HIS B 44 1.22 12.88 -29.42
N SER B 45 1.67 13.38 -28.27
CA SER B 45 0.78 14.01 -27.30
C SER B 45 0.38 15.41 -27.70
N GLY B 46 -0.93 15.61 -27.73
CA GLY B 46 -1.49 16.89 -28.10
C GLY B 46 -1.72 17.11 -29.57
N GLN B 47 -2.02 16.03 -30.31
CA GLN B 47 -2.24 16.14 -31.76
C GLN B 47 -3.65 15.95 -32.34
N ALA B 48 -4.62 15.49 -31.55
CA ALA B 48 -6.01 15.30 -32.03
C ALA B 48 -6.68 16.62 -32.42
N GLU B 49 -7.15 16.68 -33.68
CA GLU B 49 -7.80 17.87 -34.25
C GLU B 49 -9.14 18.30 -33.66
N GLY B 50 -9.32 19.61 -33.57
CA GLY B 50 -10.55 20.18 -33.03
C GLY B 50 -10.59 20.34 -31.51
N TYR B 51 -9.51 19.95 -30.84
CA TYR B 51 -9.44 20.08 -29.39
C TYR B 51 -8.41 21.11 -28.93
N SER B 52 -8.70 21.70 -27.77
CA SER B 52 -7.86 22.69 -27.14
C SER B 52 -7.22 22.00 -25.93
N TYR B 53 -5.95 21.63 -26.10
CA TYR B 53 -5.17 20.98 -25.03
C TYR B 53 -4.42 22.07 -24.29
N THR B 54 -4.03 21.78 -23.04
CA THR B 54 -3.24 22.72 -22.24
C THR B 54 -1.87 22.75 -22.90
N ASP B 55 -1.14 23.85 -22.75
CA ASP B 55 0.19 24.01 -23.34
C ASP B 55 1.07 22.82 -22.96
N ALA B 56 0.98 22.41 -21.70
CA ALA B 56 1.72 21.28 -21.11
C ALA B 56 1.56 19.91 -21.78
N ASN B 57 0.36 19.63 -22.33
CA ASN B 57 0.06 18.37 -23.00
C ASN B 57 0.64 18.29 -24.43
N ILE B 58 0.62 19.41 -25.17
CA ILE B 58 1.16 19.47 -26.53
C ILE B 58 2.69 19.60 -26.43
N LYS B 59 3.11 20.36 -25.42
CA LYS B 59 4.52 20.62 -25.13
C LYS B 59 5.32 19.36 -24.83
N LYS B 60 4.75 18.46 -24.02
CA LYS B 60 5.41 17.20 -23.62
C LYS B 60 5.84 16.30 -24.80
N ASN B 61 5.23 16.53 -25.96
CA ASN B 61 5.44 15.84 -27.25
C ASN B 61 6.19 14.49 -27.25
N VAL B 62 5.51 13.47 -26.72
CA VAL B 62 6.03 12.10 -26.64
C VAL B 62 5.12 11.19 -27.47
N LEU B 63 5.73 10.26 -28.20
CA LEU B 63 4.97 9.31 -29.01
C LEU B 63 4.33 8.31 -28.04
N TRP B 64 3.00 8.19 -28.12
CA TRP B 64 2.28 7.29 -27.25
C TRP B 64 2.41 5.80 -27.59
N ASP B 65 3.39 5.17 -26.96
CA ASP B 65 3.60 3.74 -27.11
C ASP B 65 3.12 3.14 -25.79
N GLU B 66 2.86 1.84 -25.79
CA GLU B 66 2.37 1.10 -24.60
C GLU B 66 3.13 1.27 -23.28
N ASN B 67 4.40 1.67 -23.37
CA ASN B 67 5.27 1.85 -22.23
C ASN B 67 5.27 3.21 -21.53
N ASN B 68 5.29 4.31 -22.30
CA ASN B 68 5.25 5.66 -21.71
C ASN B 68 3.78 6.04 -21.38
N MET B 69 2.89 5.21 -21.92
CA MET B 69 1.46 5.30 -21.72
C MET B 69 1.12 4.84 -20.28
N SER B 70 1.71 3.74 -19.83
CA SER B 70 1.45 3.24 -18.49
C SER B 70 2.14 3.96 -17.37
N GLU B 71 3.11 4.83 -17.72
CA GLU B 71 3.84 5.66 -16.78
C GLU B 71 3.00 6.93 -16.55
N TYR B 72 2.15 7.22 -17.54
CA TYR B 72 1.25 8.39 -17.54
C TYR B 72 -0.04 8.05 -16.75
N LEU B 73 -0.53 6.81 -16.88
CA LEU B 73 -1.76 6.35 -16.19
C LEU B 73 -1.61 6.13 -14.70
N THR B 74 -0.37 5.96 -14.25
CA THR B 74 -0.04 5.75 -12.84
C THR B 74 -0.20 7.08 -12.08
N ASN B 75 0.25 8.16 -12.73
CA ASN B 75 0.18 9.52 -12.18
C ASN B 75 0.24 10.50 -13.37
N PRO B 76 -0.92 11.04 -13.82
CA PRO B 76 -1.01 11.98 -14.95
C PRO B 76 -0.38 13.36 -14.73
N LYS B 77 -0.47 13.86 -13.49
CA LYS B 77 0.07 15.17 -13.12
C LYS B 77 1.54 15.21 -12.72
N LYS B 78 2.19 14.04 -12.73
CA LYS B 78 3.61 13.95 -12.40
C LYS B 78 4.39 13.75 -13.71
N TYR B 79 3.77 13.04 -14.65
CA TYR B 79 4.34 12.78 -15.97
C TYR B 79 4.23 14.05 -16.81
N ILE B 80 3.01 14.61 -16.87
CA ILE B 80 2.77 15.86 -17.59
C ILE B 80 2.27 16.90 -16.57
N PRO B 81 3.19 17.73 -15.99
CA PRO B 81 2.74 18.74 -15.02
C PRO B 81 2.00 19.88 -15.72
N GLY B 82 0.85 20.24 -15.18
CA GLY B 82 0.04 21.31 -15.76
C GLY B 82 -1.12 20.79 -16.59
N THR B 83 -1.24 19.46 -16.70
CA THR B 83 -2.34 18.83 -17.45
C THR B 83 -3.66 18.98 -16.68
N LYS B 84 -4.73 19.25 -17.41
CA LYS B 84 -6.05 19.39 -16.80
C LYS B 84 -6.74 18.03 -16.66
N MET B 85 -6.01 16.94 -16.97
CA MET B 85 -6.53 15.57 -16.82
C MET B 85 -6.69 15.26 -15.35
N ALA B 86 -7.93 15.47 -14.90
CA ALA B 86 -8.28 15.22 -13.53
C ALA B 86 -8.57 13.73 -13.37
N SER B 87 -7.51 13.02 -13.00
CA SER B 87 -7.52 11.57 -12.78
C SER B 87 -6.48 11.27 -11.69
N GLY B 88 -6.83 10.38 -10.75
CA GLY B 88 -5.95 10.00 -9.66
C GLY B 88 -4.82 9.10 -10.12
N GLY B 89 -5.18 8.10 -10.92
CA GLY B 89 -4.21 7.17 -11.46
C GLY B 89 -4.49 5.70 -11.16
N LEU B 90 -3.96 4.83 -12.02
CA LEU B 90 -4.08 3.38 -11.89
C LEU B 90 -2.84 2.91 -11.16
N LYS B 91 -3.01 2.58 -9.88
CA LYS B 91 -1.92 2.15 -9.02
C LYS B 91 -1.50 0.68 -9.14
N LYS B 92 -2.33 -0.12 -9.83
CA LYS B 92 -2.04 -1.54 -10.04
C LYS B 92 -1.59 -1.83 -11.47
N GLU B 93 -0.58 -2.69 -11.59
CA GLU B 93 0.01 -3.09 -12.86
C GLU B 93 -0.96 -3.89 -13.74
N LYS B 94 -1.79 -4.71 -13.11
CA LYS B 94 -2.80 -5.53 -13.79
C LYS B 94 -3.82 -4.61 -14.45
N ASP B 95 -4.26 -3.59 -13.70
CA ASP B 95 -5.23 -2.59 -14.16
C ASP B 95 -4.72 -1.80 -15.37
N ARG B 96 -3.42 -1.51 -15.38
CA ARG B 96 -2.78 -0.78 -16.47
C ARG B 96 -2.60 -1.65 -17.70
N ASN B 97 -2.11 -2.88 -17.50
CA ASN B 97 -1.90 -3.85 -18.59
C ASN B 97 -3.20 -4.24 -19.28
N ASP B 98 -4.24 -4.49 -18.47
CA ASP B 98 -5.59 -4.88 -18.95
C ASP B 98 -6.23 -3.78 -19.79
N LEU B 99 -6.00 -2.53 -19.38
CA LEU B 99 -6.54 -1.37 -20.08
C LEU B 99 -5.79 -1.01 -21.36
N ILE B 100 -4.45 -1.07 -21.32
CA ILE B 100 -3.62 -0.76 -22.49
C ILE B 100 -3.92 -1.78 -23.60
N THR B 101 -4.19 -3.03 -23.19
CA THR B 101 -4.52 -4.12 -24.11
C THR B 101 -5.87 -3.84 -24.80
N TYR B 102 -6.81 -3.24 -24.06
CA TYR B 102 -8.13 -2.87 -24.61
C TYR B 102 -7.95 -1.64 -25.50
N LEU B 103 -7.09 -0.71 -25.07
CA LEU B 103 -6.80 0.51 -25.81
C LEU B 103 -6.00 0.31 -27.09
N LYS B 104 -5.26 -0.79 -27.15
CA LYS B 104 -4.47 -1.14 -28.34
C LYS B 104 -5.45 -1.63 -29.41
N LYS B 105 -6.44 -2.40 -28.98
CA LYS B 105 -7.49 -3.00 -29.82
C LYS B 105 -8.62 -2.04 -30.23
N ALA B 106 -9.06 -1.20 -29.28
CA ALA B 106 -10.15 -0.23 -29.50
C ALA B 106 -9.75 1.03 -30.26
N CYS B 107 -8.50 1.46 -30.08
CA CYS B 107 -7.97 2.67 -30.74
C CYS B 107 -7.08 2.34 -31.94
N GLU B 108 -7.50 1.35 -32.72
CA GLU B 108 -6.78 0.89 -33.92
C GLU B 108 -6.78 1.84 -35.13
N THR C 1 50.78 -1.68 -10.03
CA THR C 1 49.59 -0.74 -10.21
C THR C 1 48.69 -0.67 -9.00
N THR C 2 48.63 -1.75 -8.20
CA THR C 2 47.74 -1.99 -7.05
C THR C 2 46.35 -2.40 -7.62
N PRO C 3 45.44 -2.94 -6.81
CA PRO C 3 44.16 -3.26 -7.40
C PRO C 3 43.36 -1.99 -7.81
N LEU C 4 42.23 -2.18 -8.49
CA LEU C 4 41.41 -1.06 -8.92
C LEU C 4 40.79 -0.46 -7.65
N VAL C 5 40.70 0.87 -7.63
CA VAL C 5 40.09 1.55 -6.48
C VAL C 5 38.68 1.97 -6.91
N HIS C 6 37.69 1.54 -6.13
CA HIS C 6 36.28 1.84 -6.38
C HIS C 6 35.76 2.91 -5.40
N VAL C 7 36.04 4.18 -5.74
CA VAL C 7 35.64 5.38 -4.98
C VAL C 7 34.13 5.69 -5.01
N ALA C 8 33.48 5.51 -3.86
CA ALA C 8 32.08 5.79 -3.75
C ALA C 8 31.65 7.25 -3.98
N SER C 9 30.88 7.42 -5.06
CA SER C 9 30.35 8.71 -5.44
C SER C 9 28.82 8.74 -5.30
N VAL C 10 28.35 9.61 -4.40
CA VAL C 10 26.91 9.83 -4.13
C VAL C 10 26.35 10.46 -5.40
N GLU C 11 25.17 10.00 -5.81
CA GLU C 11 24.48 10.49 -7.01
C GLU C 11 24.14 11.98 -6.79
N LYS C 12 24.54 12.82 -7.75
CA LYS C 12 24.37 14.28 -7.73
C LYS C 12 23.17 14.88 -6.98
N GLY C 13 23.47 15.47 -5.82
CA GLY C 13 22.47 16.12 -4.98
C GLY C 13 21.39 15.26 -4.37
N ARG C 14 21.69 13.99 -4.14
CA ARG C 14 20.73 13.07 -3.53
C ARG C 14 21.12 12.86 -2.08
N SER C 15 20.13 12.54 -1.27
CA SER C 15 20.32 12.34 0.17
C SER C 15 19.46 11.20 0.67
N TYR C 16 19.41 11.02 1.99
CA TYR C 16 18.64 9.96 2.68
C TYR C 16 17.19 9.85 2.24
N GLU C 17 16.52 11.01 2.20
CA GLU C 17 15.11 11.12 1.82
C GLU C 17 14.82 10.53 0.46
N ASP C 18 15.68 10.83 -0.51
CA ASP C 18 15.58 10.34 -1.89
C ASP C 18 15.69 8.81 -1.93
N PHE C 19 16.56 8.26 -1.09
CA PHE C 19 16.77 6.82 -1.01
C PHE C 19 15.66 6.11 -0.23
N GLN C 20 15.01 6.84 0.69
CA GLN C 20 13.90 6.29 1.48
C GLN C 20 12.70 6.09 0.55
N LYS C 21 12.63 6.97 -0.45
CA LYS C 21 11.57 6.97 -1.47
C LYS C 21 11.78 5.84 -2.48
N VAL C 22 13.03 5.38 -2.61
CA VAL C 22 13.38 4.27 -3.51
C VAL C 22 13.13 2.98 -2.74
N TYR C 23 13.42 3.00 -1.43
CA TYR C 23 13.20 1.86 -0.54
C TYR C 23 11.70 1.56 -0.52
N ASN C 24 10.90 2.60 -0.24
CA ASN C 24 9.43 2.52 -0.17
C ASN C 24 8.76 1.92 -1.41
N ALA C 25 9.27 2.29 -2.60
CA ALA C 25 8.76 1.82 -3.88
C ALA C 25 8.92 0.31 -4.00
N ILE C 26 10.09 -0.19 -3.61
CA ILE C 26 10.43 -1.62 -3.63
C ILE C 26 9.59 -2.34 -2.58
N ALA C 27 9.46 -1.72 -1.41
CA ALA C 27 8.72 -2.25 -0.27
C ALA C 27 7.22 -2.34 -0.50
N LEU C 28 6.71 -1.41 -1.32
CA LEU C 28 5.30 -1.35 -1.70
C LEU C 28 4.96 -2.36 -2.78
N LYS C 29 5.95 -2.64 -3.63
CA LYS C 29 5.80 -3.57 -4.74
C LYS C 29 5.99 -4.98 -4.24
N LEU C 30 6.54 -5.09 -3.04
CA LEU C 30 6.80 -6.37 -2.38
C LEU C 30 5.49 -6.82 -1.77
N ARG C 31 4.78 -5.84 -1.23
CA ARG C 31 3.48 -6.00 -0.58
C ARG C 31 2.37 -6.29 -1.61
N GLU C 32 2.45 -5.60 -2.75
CA GLU C 32 1.49 -5.71 -3.86
C GLU C 32 1.57 -6.95 -4.72
N ASP C 33 2.77 -7.25 -5.20
CA ASP C 33 3.00 -8.41 -6.06
C ASP C 33 3.25 -9.67 -5.24
N ASP C 34 2.39 -9.91 -4.26
CA ASP C 34 2.47 -11.06 -3.34
C ASP C 34 2.13 -12.46 -3.88
N GLU C 35 1.75 -12.53 -5.14
CA GLU C 35 1.37 -13.80 -5.77
C GLU C 35 2.53 -14.70 -6.23
N TYR C 36 3.69 -14.09 -6.47
CA TYR C 36 4.90 -14.76 -6.94
C TYR C 36 5.43 -15.95 -6.13
N ASP C 37 5.81 -16.98 -6.88
CA ASP C 37 6.36 -18.24 -6.36
C ASP C 37 5.44 -18.88 -5.30
N ASN C 38 4.18 -19.14 -5.68
CA ASN C 38 3.16 -19.73 -4.81
C ASN C 38 3.03 -19.00 -3.46
N TYR C 39 2.96 -17.68 -3.58
CA TYR C 39 2.81 -16.71 -2.48
C TYR C 39 3.95 -16.55 -1.47
N ILE C 40 5.19 -16.80 -1.91
CA ILE C 40 6.38 -16.59 -1.07
C ILE C 40 6.67 -15.10 -1.26
N GLY C 41 6.45 -14.65 -2.49
CA GLY C 41 6.66 -13.27 -2.86
C GLY C 41 8.04 -13.07 -3.44
N TYR C 42 8.34 -11.81 -3.73
CA TYR C 42 9.64 -11.44 -4.29
C TYR C 42 10.69 -11.20 -3.23
N GLY C 43 10.28 -11.27 -1.96
CA GLY C 43 11.15 -11.04 -0.80
C GLY C 43 12.47 -11.78 -0.86
N PRO C 44 12.47 -13.11 -0.96
CA PRO C 44 13.66 -13.97 -1.03
C PRO C 44 14.56 -13.84 -2.27
N VAL C 45 13.98 -13.70 -3.48
CA VAL C 45 14.76 -13.57 -4.73
C VAL C 45 15.58 -12.27 -4.75
N LEU C 46 15.07 -11.25 -4.07
CA LEU C 46 15.74 -9.96 -3.97
C LEU C 46 17.01 -10.00 -3.11
N VAL C 47 17.00 -10.84 -2.07
CA VAL C 47 18.17 -10.95 -1.20
C VAL C 47 19.21 -11.80 -1.90
N ARG C 48 18.76 -12.78 -2.69
CA ARG C 48 19.68 -13.65 -3.42
C ARG C 48 20.33 -12.81 -4.51
N LEU C 49 19.57 -11.86 -5.05
CA LEU C 49 20.05 -10.98 -6.09
C LEU C 49 21.11 -10.08 -5.50
N ALA C 50 20.89 -9.58 -4.27
CA ALA C 50 21.84 -8.70 -3.60
C ALA C 50 23.15 -9.43 -3.28
N TRP C 51 23.05 -10.72 -2.96
CA TRP C 51 24.25 -11.51 -2.67
C TRP C 51 25.05 -11.93 -3.92
N HIS C 52 24.39 -12.18 -5.05
CA HIS C 52 25.08 -12.59 -6.29
C HIS C 52 25.79 -11.51 -7.07
N THR C 53 25.36 -10.29 -6.82
CA THR C 53 25.95 -9.16 -7.48
C THR C 53 27.14 -8.67 -6.65
N SER C 54 27.14 -9.04 -5.36
CA SER C 54 28.19 -8.70 -4.41
C SER C 54 29.22 -9.83 -4.33
N GLY C 55 28.71 -11.04 -4.52
CA GLY C 55 29.48 -12.27 -4.45
C GLY C 55 30.47 -12.54 -5.54
N THR C 56 30.56 -11.66 -6.53
CA THR C 56 31.51 -11.84 -7.63
C THR C 56 32.84 -11.17 -7.33
N TRP C 57 32.99 -10.73 -6.09
CA TRP C 57 34.20 -10.06 -5.64
C TRP C 57 35.36 -11.01 -5.47
N ASP C 58 36.55 -10.44 -5.53
CA ASP C 58 37.79 -11.14 -5.38
C ASP C 58 38.65 -10.11 -4.66
N LYS C 59 38.98 -10.40 -3.41
CA LYS C 59 39.77 -9.51 -2.55
C LYS C 59 41.21 -9.20 -2.98
N HIS C 60 41.75 -10.11 -3.79
CA HIS C 60 43.11 -10.04 -4.30
C HIS C 60 43.38 -9.00 -5.40
N ASP C 61 42.42 -8.82 -6.30
CA ASP C 61 42.55 -7.84 -7.39
C ASP C 61 41.40 -6.84 -7.45
N ASN C 62 40.51 -6.89 -6.46
CA ASN C 62 39.32 -6.02 -6.32
C ASN C 62 38.30 -6.05 -7.45
N THR C 63 38.33 -7.13 -8.25
CA THR C 63 37.41 -7.30 -9.38
C THR C 63 36.08 -7.88 -8.91
N GLY C 64 35.01 -7.47 -9.59
CA GLY C 64 33.68 -7.90 -9.23
C GLY C 64 33.10 -7.01 -8.16
N GLY C 65 32.13 -7.55 -7.42
CA GLY C 65 31.52 -6.79 -6.36
C GLY C 65 30.28 -6.09 -6.83
N SER C 66 29.60 -5.49 -5.86
CA SER C 66 28.35 -4.77 -6.06
C SER C 66 28.49 -3.47 -6.85
N TYR C 67 29.62 -2.81 -6.67
CA TYR C 67 29.96 -1.56 -7.29
C TYR C 67 29.49 -1.19 -8.70
N GLY C 68 30.11 -1.84 -9.67
CA GLY C 68 29.83 -1.59 -11.05
C GLY C 68 28.47 -1.88 -11.63
N GLY C 69 27.58 -2.50 -10.84
CA GLY C 69 26.23 -2.86 -11.29
C GLY C 69 26.23 -3.62 -12.59
N THR C 70 27.24 -4.46 -12.73
CA THR C 70 27.51 -5.26 -13.92
C THR C 70 26.58 -6.41 -14.26
N TYR C 71 25.54 -6.61 -13.45
CA TYR C 71 24.56 -7.69 -13.67
C TYR C 71 23.68 -7.40 -14.89
N ARG C 72 23.61 -6.15 -15.29
CA ARG C 72 22.81 -5.70 -16.44
C ARG C 72 23.35 -6.21 -17.79
N PHE C 73 24.63 -6.56 -17.82
CA PHE C 73 25.26 -7.06 -19.02
C PHE C 73 25.04 -8.55 -19.21
N LYS C 74 24.90 -8.94 -20.46
CA LYS C 74 24.64 -10.33 -20.88
C LYS C 74 25.42 -11.42 -20.18
N LYS C 75 26.73 -11.23 -20.02
CA LYS C 75 27.61 -12.23 -19.40
C LYS C 75 27.24 -12.64 -17.97
N GLU C 76 27.06 -11.66 -17.09
CA GLU C 76 26.70 -11.92 -15.70
C GLU C 76 25.23 -12.31 -15.57
N PHE C 77 24.39 -11.67 -16.38
CA PHE C 77 22.95 -11.93 -16.42
C PHE C 77 22.70 -13.43 -16.74
N ASN C 78 23.32 -13.91 -17.81
CA ASN C 78 23.16 -15.30 -18.25
C ASN C 78 24.08 -16.34 -17.57
N ASP C 79 24.62 -16.02 -16.39
CA ASP C 79 25.48 -16.94 -15.60
C ASP C 79 24.59 -18.11 -15.16
N PRO C 80 25.02 -19.37 -15.43
CA PRO C 80 24.25 -20.56 -15.05
C PRO C 80 23.89 -20.65 -13.57
N SER C 81 24.71 -20.00 -12.73
CA SER C 81 24.48 -19.98 -11.30
C SER C 81 23.63 -18.78 -10.86
N ASN C 82 23.20 -17.97 -11.84
CA ASN C 82 22.33 -16.80 -11.59
C ASN C 82 20.90 -17.07 -12.06
N ALA C 83 20.64 -18.29 -12.55
CA ALA C 83 19.32 -18.72 -13.06
C ALA C 83 18.15 -18.53 -12.10
N GLY C 84 17.21 -17.69 -12.54
CA GLY C 84 16.03 -17.39 -11.74
C GLY C 84 16.04 -15.98 -11.19
N LEU C 85 17.21 -15.35 -11.19
CA LEU C 85 17.37 -13.97 -10.69
C LEU C 85 16.82 -12.94 -11.68
N GLN C 86 16.46 -13.39 -12.88
CA GLN C 86 15.90 -12.53 -13.90
C GLN C 86 14.56 -11.99 -13.41
N ASN C 87 13.89 -12.79 -12.57
CA ASN C 87 12.60 -12.46 -11.94
C ASN C 87 12.83 -11.33 -10.93
N GLY C 88 14.04 -11.26 -10.38
CA GLY C 88 14.41 -10.22 -9.44
C GLY C 88 14.68 -8.94 -10.18
N PHE C 89 15.17 -9.05 -11.43
CA PHE C 89 15.47 -7.92 -12.32
C PHE C 89 14.21 -7.29 -12.92
N LYS C 90 13.28 -8.13 -13.38
CA LYS C 90 11.99 -7.67 -13.98
C LYS C 90 11.16 -6.89 -12.95
N PHE C 91 11.34 -7.27 -11.67
CA PHE C 91 10.68 -6.66 -10.52
C PHE C 91 11.25 -5.27 -10.27
N LEU C 92 12.57 -5.17 -10.36
CA LEU C 92 13.29 -3.95 -10.10
C LEU C 92 13.33 -2.92 -11.22
N GLU C 93 13.22 -3.34 -12.48
CA GLU C 93 13.26 -2.36 -13.58
C GLU C 93 12.17 -1.28 -13.64
N PRO C 94 10.91 -1.55 -13.19
CA PRO C 94 9.86 -0.51 -13.21
C PRO C 94 10.22 0.62 -12.26
N ILE C 95 10.89 0.24 -11.18
CA ILE C 95 11.36 1.13 -10.12
C ILE C 95 12.61 1.91 -10.57
N HIS C 96 13.26 1.41 -11.62
CA HIS C 96 14.44 2.07 -12.13
C HIS C 96 14.09 3.14 -13.17
N LYS C 97 12.93 2.99 -13.81
CA LYS C 97 12.45 3.97 -14.79
C LYS C 97 11.83 5.13 -14.03
N GLU C 98 11.43 4.82 -12.79
CA GLU C 98 10.81 5.74 -11.84
C GLU C 98 11.89 6.61 -11.20
N PHE C 99 13.07 6.02 -10.98
CA PHE C 99 14.23 6.68 -10.40
C PHE C 99 15.43 6.34 -11.32
N PRO C 100 15.61 7.05 -12.46
CA PRO C 100 16.75 6.73 -13.35
C PRO C 100 18.14 7.18 -12.87
N TRP C 101 18.16 8.05 -11.85
CA TRP C 101 19.39 8.58 -11.28
C TRP C 101 20.21 7.56 -10.51
N ILE C 102 19.51 6.68 -9.79
CA ILE C 102 20.12 5.63 -8.97
C ILE C 102 20.82 4.60 -9.85
N SER C 103 22.05 4.25 -9.46
CA SER C 103 22.87 3.29 -10.18
C SER C 103 22.34 1.86 -10.01
N SER C 104 22.74 0.99 -10.94
CA SER C 104 22.33 -0.41 -10.98
C SER C 104 22.80 -1.12 -9.72
N GLY C 105 24.03 -0.81 -9.31
CA GLY C 105 24.62 -1.40 -8.12
C GLY C 105 23.86 -1.05 -6.87
N ASP C 106 23.56 0.24 -6.72
CA ASP C 106 22.82 0.81 -5.60
C ASP C 106 21.38 0.26 -5.45
N LEU C 107 20.72 -0.03 -6.57
CA LEU C 107 19.35 -0.54 -6.59
C LEU C 107 19.27 -2.01 -6.19
N PHE C 108 20.07 -2.85 -6.86
CA PHE C 108 20.14 -4.29 -6.59
C PHE C 108 20.45 -4.57 -5.12
N SER C 109 21.40 -3.79 -4.57
CA SER C 109 21.81 -3.92 -3.19
C SER C 109 20.74 -3.39 -2.23
N LEU C 110 20.11 -2.27 -2.60
CA LEU C 110 19.05 -1.68 -1.78
C LEU C 110 17.88 -2.64 -1.76
N GLY C 111 17.64 -3.31 -2.89
CA GLY C 111 16.55 -4.28 -3.00
C GLY C 111 16.69 -5.42 -1.99
N GLY C 112 17.95 -5.77 -1.71
CA GLY C 112 18.26 -6.82 -0.77
C GLY C 112 18.08 -6.39 0.67
N VAL C 113 18.47 -5.15 0.96
CA VAL C 113 18.35 -4.57 2.29
C VAL C 113 16.86 -4.39 2.60
N THR C 114 16.11 -3.97 1.57
CA THR C 114 14.67 -3.73 1.65
C THR C 114 13.89 -4.99 1.96
N ALA C 115 14.26 -6.08 1.31
CA ALA C 115 13.60 -7.35 1.48
C ALA C 115 13.78 -7.97 2.87
N VAL C 116 14.99 -7.88 3.42
CA VAL C 116 15.28 -8.43 4.74
C VAL C 116 14.53 -7.69 5.84
N GLN C 117 14.56 -6.35 5.80
CA GLN C 117 13.88 -5.50 6.79
C GLN C 117 12.36 -5.66 6.77
N GLU C 118 11.79 -5.75 5.56
CA GLU C 118 10.35 -5.89 5.37
C GLU C 118 9.84 -7.26 5.79
N MET C 119 10.71 -8.27 5.69
CA MET C 119 10.38 -9.62 6.10
C MET C 119 10.70 -9.80 7.60
N GLN C 120 10.59 -8.69 8.35
CA GLN C 120 10.83 -8.59 9.79
C GLN C 120 12.23 -8.97 10.29
N GLY C 121 13.21 -8.74 9.43
CA GLY C 121 14.59 -9.02 9.77
C GLY C 121 15.27 -7.83 10.42
N PRO C 122 16.60 -7.89 10.64
CA PRO C 122 17.34 -6.80 11.26
C PRO C 122 17.44 -5.57 10.38
N LYS C 123 17.68 -4.44 11.04
CA LYS C 123 17.85 -3.19 10.33
C LYS C 123 19.29 -3.24 9.82
N ILE C 124 19.40 -3.29 8.50
CA ILE C 124 20.69 -3.36 7.84
C ILE C 124 21.11 -1.99 7.30
N PRO C 125 22.20 -1.42 7.85
CA PRO C 125 22.65 -0.11 7.38
C PRO C 125 23.08 -0.25 5.93
N TRP C 126 22.77 0.74 5.13
CA TRP C 126 23.11 0.74 3.72
C TRP C 126 23.82 2.05 3.39
N ARG C 127 24.59 2.07 2.30
CA ARG C 127 25.33 3.25 1.88
C ARG C 127 25.25 3.43 0.38
N CYS C 128 25.09 4.67 -0.05
CA CYS C 128 25.04 4.97 -1.47
C CYS C 128 26.45 5.22 -1.96
N GLY C 129 26.64 5.12 -3.27
CA GLY C 129 27.95 5.37 -3.81
C GLY C 129 28.38 4.52 -4.96
N ARG C 130 27.68 3.43 -5.22
CA ARG C 130 28.04 2.56 -6.33
C ARG C 130 27.82 3.29 -7.65
N VAL C 131 28.82 3.20 -8.52
CA VAL C 131 28.79 3.84 -9.84
C VAL C 131 28.87 2.77 -10.90
N ASP C 132 27.96 2.85 -11.88
CA ASP C 132 27.89 1.89 -13.00
C ASP C 132 29.16 1.93 -13.82
N THR C 133 29.71 0.75 -14.09
CA THR C 133 30.96 0.63 -14.84
C THR C 133 30.75 -0.07 -16.19
N PRO C 134 31.57 0.28 -17.25
CA PRO C 134 31.47 -0.34 -18.59
C PRO C 134 31.38 -1.87 -18.66
N GLU C 135 31.08 -2.39 -19.85
CA GLU C 135 30.93 -3.84 -20.11
C GLU C 135 32.21 -4.69 -19.95
N ASP C 136 33.37 -4.05 -20.01
CA ASP C 136 34.64 -4.77 -19.86
C ASP C 136 34.98 -5.11 -18.41
N THR C 137 34.23 -4.53 -17.47
CA THR C 137 34.42 -4.77 -16.05
C THR C 137 33.50 -5.88 -15.51
N THR C 138 32.72 -6.48 -16.43
CA THR C 138 31.80 -7.57 -16.10
C THR C 138 32.65 -8.81 -15.79
N PRO C 139 32.55 -9.34 -14.54
CA PRO C 139 33.28 -10.52 -14.05
C PRO C 139 32.89 -11.78 -14.78
N ASP C 140 33.87 -12.62 -15.10
CA ASP C 140 33.60 -13.88 -15.78
C ASP C 140 32.86 -14.88 -14.88
N ASN C 141 32.05 -15.70 -15.53
CA ASN C 141 31.23 -16.73 -14.89
C ASN C 141 32.03 -17.68 -13.99
N GLY C 142 31.34 -18.28 -13.02
CA GLY C 142 31.95 -19.22 -12.11
C GLY C 142 32.60 -18.67 -10.84
N ARG C 143 32.31 -17.42 -10.49
CA ARG C 143 32.88 -16.82 -9.29
C ARG C 143 32.04 -17.05 -8.03
N LEU C 144 30.84 -17.58 -8.25
CA LEU C 144 29.87 -17.87 -7.22
C LEU C 144 30.07 -19.33 -6.79
N PRO C 145 29.58 -19.73 -5.57
CA PRO C 145 29.72 -21.10 -5.03
C PRO C 145 28.81 -22.25 -5.50
N ASP C 146 29.34 -23.47 -5.37
CA ASP C 146 28.64 -24.71 -5.72
C ASP C 146 28.01 -25.35 -4.46
N ALA C 147 26.84 -25.94 -4.62
CA ALA C 147 26.09 -26.54 -3.50
C ALA C 147 26.45 -27.97 -3.11
N ASP C 148 26.95 -28.73 -4.09
CA ASP C 148 27.34 -30.12 -3.91
C ASP C 148 28.79 -30.21 -3.44
N LYS C 149 29.11 -29.48 -2.36
CA LYS C 149 30.45 -29.48 -1.80
C LYS C 149 30.43 -29.72 -0.27
N ASP C 150 31.55 -29.42 0.40
CA ASP C 150 31.68 -29.62 1.86
C ASP C 150 32.14 -28.39 2.63
N ALA C 151 32.31 -28.58 3.94
CA ALA C 151 32.74 -27.55 4.89
C ALA C 151 34.07 -26.90 4.57
N ASP C 152 35.01 -27.68 4.05
CA ASP C 152 36.32 -27.17 3.68
C ASP C 152 36.34 -26.28 2.43
N TYR C 153 35.33 -26.46 1.57
CA TYR C 153 35.18 -25.67 0.35
C TYR C 153 34.64 -24.31 0.76
N VAL C 154 33.60 -24.35 1.60
CA VAL C 154 32.86 -23.21 2.16
C VAL C 154 33.77 -22.31 3.00
N ARG C 155 34.82 -22.87 3.60
CA ARG C 155 35.73 -22.08 4.41
C ARG C 155 36.71 -21.34 3.52
N THR C 156 37.23 -22.01 2.48
CA THR C 156 38.18 -21.40 1.52
C THR C 156 37.51 -20.53 0.47
N PHE C 157 36.22 -20.75 0.22
CA PHE C 157 35.50 -19.97 -0.78
C PHE C 157 35.33 -18.55 -0.26
N PHE C 158 34.80 -18.45 0.96
CA PHE C 158 34.54 -17.19 1.63
C PHE C 158 35.78 -16.44 2.08
N GLN C 159 36.93 -17.09 1.94
CA GLN C 159 38.20 -16.47 2.26
C GLN C 159 38.42 -15.41 1.17
N ARG C 160 37.90 -15.68 -0.04
CA ARG C 160 37.99 -14.78 -1.19
C ARG C 160 37.06 -13.57 -1.03
N LEU C 161 36.08 -13.70 -0.13
CA LEU C 161 35.12 -12.61 0.17
C LEU C 161 35.40 -11.91 1.50
N ASN C 162 36.51 -12.32 2.14
CA ASN C 162 36.99 -11.80 3.44
C ASN C 162 36.03 -12.05 4.59
N MET C 163 35.43 -13.24 4.57
CA MET C 163 34.46 -13.62 5.58
C MET C 163 34.99 -14.73 6.46
N ASN C 164 34.96 -14.50 7.76
CA ASN C 164 35.43 -15.52 8.71
C ASN C 164 34.31 -16.50 9.05
N ASP C 165 34.63 -17.53 9.84
CA ASP C 165 33.67 -18.57 10.26
C ASP C 165 32.33 -18.06 10.79
N ARG C 166 32.38 -16.97 11.55
CA ARG C 166 31.21 -16.32 12.15
C ARG C 166 30.33 -15.64 11.09
N GLU C 167 30.99 -15.08 10.08
CA GLU C 167 30.29 -14.40 9.00
C GLU C 167 29.65 -15.38 8.01
N VAL C 168 30.34 -16.47 7.69
CA VAL C 168 29.75 -17.42 6.76
C VAL C 168 28.61 -18.23 7.36
N VAL C 169 28.59 -18.42 8.69
CA VAL C 169 27.50 -19.15 9.35
C VAL C 169 26.29 -18.20 9.50
N ALA C 170 26.57 -16.92 9.71
CA ALA C 170 25.51 -15.91 9.81
C ALA C 170 24.84 -15.72 8.44
N LEU C 171 25.63 -15.35 7.42
CA LEU C 171 25.12 -15.13 6.05
C LEU C 171 24.32 -16.29 5.49
N MET C 172 24.68 -17.51 5.88
CA MET C 172 24.01 -18.72 5.40
C MET C 172 22.63 -18.91 6.04
N GLY C 173 22.34 -18.11 7.07
CA GLY C 173 21.06 -18.15 7.76
C GLY C 173 19.96 -17.54 6.92
N ALA C 174 20.39 -16.87 5.86
CA ALA C 174 19.51 -16.21 4.90
C ALA C 174 18.73 -17.27 4.13
N HIS C 175 19.17 -18.52 4.28
CA HIS C 175 18.51 -19.66 3.65
C HIS C 175 17.21 -20.01 4.38
N ALA C 176 16.84 -19.19 5.36
CA ALA C 176 15.57 -19.37 6.07
C ALA C 176 14.50 -18.82 5.13
N LEU C 177 14.95 -18.09 4.10
CA LEU C 177 14.12 -17.45 3.08
C LEU C 177 14.00 -18.22 1.77
N GLY C 178 12.76 -18.32 1.29
CA GLY C 178 12.47 -18.98 0.04
C GLY C 178 12.62 -20.47 -0.08
N LYS C 179 13.01 -20.89 -1.30
CA LYS C 179 13.18 -22.30 -1.64
C LYS C 179 14.20 -22.50 -2.74
N THR C 180 14.52 -23.76 -3.01
CA THR C 180 15.42 -24.11 -4.08
C THR C 180 14.47 -24.59 -5.18
N HIS C 181 14.73 -24.13 -6.41
CA HIS C 181 13.93 -24.47 -7.58
C HIS C 181 14.68 -25.44 -8.45
N LEU C 182 14.04 -26.54 -8.85
CA LEU C 182 14.67 -27.56 -9.67
C LEU C 182 15.04 -27.05 -11.05
N LYS C 183 14.21 -26.16 -11.60
CA LYS C 183 14.43 -25.57 -12.92
C LYS C 183 15.56 -24.51 -12.94
N ASN C 184 15.96 -24.04 -11.75
CA ASN C 184 17.01 -23.03 -11.62
C ASN C 184 18.38 -23.60 -11.19
N SER C 185 18.36 -24.47 -10.17
CA SER C 185 19.58 -25.05 -9.59
C SER C 185 19.74 -26.56 -9.57
N GLY C 186 18.66 -27.29 -9.80
CA GLY C 186 18.74 -28.75 -9.77
C GLY C 186 18.63 -29.24 -8.35
N TYR C 187 17.96 -28.45 -7.52
CA TYR C 187 17.71 -28.73 -6.10
C TYR C 187 16.25 -28.30 -5.87
N GLU C 188 15.47 -29.07 -5.11
CA GLU C 188 14.05 -28.74 -4.91
C GLU C 188 13.49 -28.83 -3.49
N GLY C 189 12.78 -27.76 -3.09
CA GLY C 189 12.15 -27.69 -1.79
C GLY C 189 12.66 -26.56 -0.89
N PRO C 190 11.97 -26.25 0.23
CA PRO C 190 12.39 -25.19 1.15
C PRO C 190 13.27 -25.66 2.31
N TRP C 191 13.88 -24.72 3.01
CA TRP C 191 14.74 -25.00 4.18
C TRP C 191 13.93 -24.84 5.45
N GLY C 192 12.70 -24.33 5.28
CA GLY C 192 11.82 -24.11 6.39
C GLY C 192 10.37 -23.89 5.99
N ALA C 193 9.57 -23.54 6.99
CA ALA C 193 8.16 -23.30 6.80
C ALA C 193 7.88 -21.81 6.54
N ALA C 194 8.59 -20.95 7.26
CA ALA C 194 8.43 -19.51 7.15
C ALA C 194 9.28 -18.90 6.05
N ASN C 195 8.94 -19.22 4.79
CA ASN C 195 9.65 -18.78 3.58
C ASN C 195 9.79 -17.27 3.36
N ASN C 196 8.80 -16.51 3.82
CA ASN C 196 8.78 -15.06 3.64
C ASN C 196 8.89 -14.20 4.89
N VAL C 197 9.53 -14.74 5.92
CA VAL C 197 9.73 -14.02 7.18
C VAL C 197 11.08 -14.49 7.73
N PHE C 198 11.90 -13.50 8.04
CA PHE C 198 13.26 -13.68 8.53
C PHE C 198 13.36 -14.08 9.99
N THR C 199 13.86 -15.29 10.21
CA THR C 199 14.03 -15.90 11.53
C THR C 199 15.27 -16.79 11.55
N ASN C 200 15.51 -17.43 12.70
CA ASN C 200 16.64 -18.33 12.89
C ASN C 200 16.23 -19.78 12.66
N GLU C 201 15.10 -19.93 11.96
CA GLU C 201 14.49 -21.22 11.62
C GLU C 201 15.47 -22.15 10.91
N PHE C 202 16.39 -21.56 10.15
CA PHE C 202 17.41 -22.26 9.39
C PHE C 202 18.20 -23.19 10.33
N TYR C 203 18.79 -22.59 11.36
CA TYR C 203 19.62 -23.28 12.35
C TYR C 203 18.83 -24.26 13.21
N LEU C 204 17.59 -23.90 13.52
CA LEU C 204 16.73 -24.74 14.32
C LEU C 204 16.45 -26.05 13.59
N ASN C 205 16.03 -25.95 12.33
CA ASN C 205 15.73 -27.12 11.49
C ASN C 205 16.95 -27.96 11.20
N LEU C 206 18.12 -27.33 11.21
CA LEU C 206 19.38 -27.99 10.91
C LEU C 206 19.83 -28.99 11.96
N LEU C 207 19.54 -28.69 13.23
CA LEU C 207 19.91 -29.60 14.31
C LEU C 207 18.75 -30.35 14.95
N ASN C 208 17.53 -29.84 14.79
CA ASN C 208 16.33 -30.48 15.35
C ASN C 208 15.64 -31.51 14.46
N GLU C 209 15.85 -31.41 13.15
CA GLU C 209 15.23 -32.35 12.20
C GLU C 209 16.09 -33.56 11.88
N ASP C 210 15.41 -34.61 11.42
CA ASP C 210 16.00 -35.90 11.05
C ASP C 210 16.32 -35.85 9.56
N TRP C 211 17.61 -35.65 9.26
CA TRP C 211 18.05 -35.56 7.87
C TRP C 211 18.49 -36.88 7.26
N LYS C 212 18.14 -37.06 5.99
CA LYS C 212 18.47 -38.25 5.21
C LYS C 212 18.95 -37.78 3.85
N LEU C 213 20.05 -38.34 3.36
CA LEU C 213 20.58 -37.97 2.04
C LEU C 213 19.92 -38.80 0.96
N GLU C 214 19.21 -38.12 0.04
CA GLU C 214 18.50 -38.76 -1.09
C GLU C 214 18.88 -38.05 -2.39
N LYS C 215 18.30 -38.51 -3.51
CA LYS C 215 18.51 -37.88 -4.82
C LYS C 215 17.21 -37.16 -5.17
N ASN C 216 17.29 -36.19 -6.08
CA ASN C 216 16.09 -35.48 -6.53
C ASN C 216 15.82 -35.83 -7.98
N ASP C 217 14.87 -35.14 -8.60
CA ASP C 217 14.50 -35.38 -10.00
C ASP C 217 15.58 -34.99 -11.01
N ALA C 218 16.46 -34.07 -10.60
CA ALA C 218 17.56 -33.61 -11.44
C ALA C 218 18.82 -34.45 -11.19
N ASN C 219 18.64 -35.55 -10.44
CA ASN C 219 19.68 -36.53 -10.10
C ASN C 219 20.78 -36.05 -9.13
N ASN C 220 20.58 -34.88 -8.51
CA ASN C 220 21.54 -34.31 -7.54
C ASN C 220 21.22 -34.81 -6.14
N GLU C 221 22.21 -34.74 -5.24
CA GLU C 221 22.01 -35.22 -3.87
C GLU C 221 21.79 -34.10 -2.84
N GLN C 222 20.72 -34.26 -2.05
CA GLN C 222 20.33 -33.31 -1.01
C GLN C 222 19.80 -34.01 0.25
N TRP C 223 19.81 -33.29 1.36
CA TRP C 223 19.36 -33.81 2.65
C TRP C 223 17.92 -33.43 2.90
N ASP C 224 17.02 -34.43 2.87
CA ASP C 224 15.58 -34.21 3.08
C ASP C 224 15.07 -34.69 4.44
N SER C 225 14.17 -33.90 5.04
CA SER C 225 13.56 -34.25 6.33
C SER C 225 12.17 -34.80 6.10
N LYS C 226 11.62 -35.42 7.15
CA LYS C 226 10.28 -36.00 7.12
C LYS C 226 9.18 -34.92 7.04
N SER C 227 9.52 -33.72 7.53
CA SER C 227 8.63 -32.55 7.55
C SER C 227 8.54 -31.80 6.21
N GLY C 228 9.18 -32.36 5.18
CA GLY C 228 9.15 -31.78 3.85
C GLY C 228 10.22 -30.76 3.49
N TYR C 229 11.15 -30.51 4.40
CA TYR C 229 12.23 -29.54 4.16
C TYR C 229 13.42 -30.21 3.45
N MET C 230 14.42 -29.40 3.10
CA MET C 230 15.64 -29.85 2.45
C MET C 230 16.80 -29.02 2.96
N MET C 231 18.02 -29.47 2.68
CA MET C 231 19.26 -28.78 3.06
C MET C 231 20.26 -29.10 1.98
N LEU C 232 20.99 -28.10 1.48
CA LEU C 232 22.01 -28.33 0.45
C LEU C 232 23.22 -28.96 1.12
N PRO C 233 24.06 -29.74 0.38
CA PRO C 233 25.23 -30.35 1.03
C PRO C 233 26.16 -29.36 1.74
N THR C 234 26.14 -28.10 1.30
CA THR C 234 26.93 -27.03 1.93
C THR C 234 26.25 -26.48 3.20
N ASP C 235 24.93 -26.65 3.30
CA ASP C 235 24.16 -26.20 4.47
C ASP C 235 24.33 -27.21 5.61
N TYR C 236 24.33 -28.48 5.23
CA TYR C 236 24.49 -29.58 6.17
C TYR C 236 25.92 -29.60 6.66
N SER C 237 26.87 -29.21 5.81
CA SER C 237 28.28 -29.20 6.15
C SER C 237 28.64 -28.23 7.27
N LEU C 238 27.66 -27.40 7.64
CA LEU C 238 27.79 -26.43 8.70
C LEU C 238 27.61 -27.06 10.07
N ILE C 239 27.21 -28.34 10.11
CA ILE C 239 27.04 -29.08 11.36
C ILE C 239 27.95 -30.30 11.43
N GLN C 240 28.64 -30.58 10.33
CA GLN C 240 29.59 -31.69 10.25
C GLN C 240 30.94 -31.14 10.69
N ASP C 241 31.07 -29.82 10.60
CA ASP C 241 32.28 -29.12 11.00
C ASP C 241 32.05 -28.61 12.43
N PRO C 242 32.87 -29.05 13.41
CA PRO C 242 32.78 -28.67 14.83
C PRO C 242 32.85 -27.18 15.16
N LYS C 243 33.64 -26.44 14.38
CA LYS C 243 33.84 -24.99 14.53
C LYS C 243 32.57 -24.28 14.09
N TYR C 244 31.99 -24.75 12.99
CA TYR C 244 30.77 -24.20 12.42
C TYR C 244 29.54 -24.58 13.25
N LEU C 245 29.54 -25.81 13.78
CA LEU C 245 28.43 -26.37 14.59
C LEU C 245 28.13 -25.62 15.90
N SER C 246 29.17 -25.05 16.51
CA SER C 246 29.03 -24.29 17.75
C SER C 246 28.38 -22.92 17.51
N ILE C 247 28.53 -22.41 16.27
CA ILE C 247 27.95 -21.13 15.87
C ILE C 247 26.50 -21.34 15.40
N VAL C 248 26.23 -22.55 14.90
CA VAL C 248 24.88 -22.94 14.46
C VAL C 248 24.03 -23.18 15.72
N LYS C 249 24.66 -23.65 16.80
CA LYS C 249 24.01 -23.90 18.09
C LYS C 249 23.65 -22.58 18.78
N GLU C 250 24.59 -21.63 18.72
CA GLU C 250 24.48 -20.28 19.32
C GLU C 250 23.35 -19.44 18.72
N TYR C 251 23.23 -19.48 17.39
CA TYR C 251 22.20 -18.74 16.68
C TYR C 251 20.81 -19.35 16.80
N ALA C 252 20.76 -20.64 17.13
CA ALA C 252 19.48 -21.34 17.32
C ALA C 252 18.94 -21.11 18.74
N ASN C 253 19.81 -20.65 19.63
CA ASN C 253 19.45 -20.34 21.03
C ASN C 253 19.13 -18.85 21.18
N ASP C 254 19.86 -18.02 20.44
CA ASP C 254 19.74 -16.57 20.47
C ASP C 254 19.53 -15.98 19.07
N GLN C 255 18.27 -15.64 18.75
CA GLN C 255 17.90 -15.05 17.44
C GLN C 255 18.47 -13.65 17.29
N ASP C 256 18.49 -12.90 18.39
CA ASP C 256 19.01 -11.54 18.42
C ASP C 256 20.50 -11.46 18.13
N LYS C 257 21.24 -12.51 18.48
CA LYS C 257 22.68 -12.54 18.22
C LYS C 257 22.84 -12.74 16.72
N PHE C 258 21.95 -13.55 16.14
CA PHE C 258 21.95 -13.82 14.69
C PHE C 258 21.64 -12.56 13.88
N PHE C 259 20.56 -11.86 14.24
CA PHE C 259 20.15 -10.63 13.56
C PHE C 259 21.28 -9.61 13.54
N LYS C 260 21.94 -9.43 14.69
CA LYS C 260 23.06 -8.51 14.88
C LYS C 260 24.24 -8.82 13.93
N ASP C 261 24.56 -10.11 13.84
CA ASP C 261 25.67 -10.62 13.04
C ASP C 261 25.42 -10.67 11.54
N PHE C 262 24.17 -10.97 11.16
CA PHE C 262 23.77 -11.02 9.77
C PHE C 262 23.89 -9.62 9.20
N SER C 263 23.29 -8.64 9.88
CA SER C 263 23.32 -7.26 9.44
C SER C 263 24.73 -6.70 9.29
N LYS C 264 25.66 -7.13 10.14
CA LYS C 264 27.06 -6.71 10.07
C LYS C 264 27.70 -7.34 8.84
N ALA C 265 27.48 -8.65 8.70
CA ALA C 265 28.03 -9.44 7.60
C ALA C 265 27.42 -9.12 6.25
N PHE C 266 26.12 -8.87 6.22
CA PHE C 266 25.40 -8.55 4.99
C PHE C 266 25.76 -7.18 4.48
N GLU C 267 26.01 -6.25 5.40
CA GLU C 267 26.40 -4.91 5.01
C GLU C 267 27.81 -5.00 4.44
N LYS C 268 28.64 -5.82 5.10
CA LYS C 268 30.04 -6.03 4.69
C LYS C 268 30.09 -6.60 3.28
N LEU C 269 29.18 -7.52 2.99
CA LEU C 269 29.08 -8.18 1.69
C LEU C 269 28.76 -7.23 0.53
N LEU C 270 27.75 -6.38 0.78
CA LEU C 270 27.29 -5.42 -0.20
C LEU C 270 28.23 -4.21 -0.33
N GLU C 271 29.10 -4.02 0.67
CA GLU C 271 30.05 -2.89 0.66
C GLU C 271 31.49 -3.31 0.37
N ASN C 272 31.64 -4.57 -0.01
CA ASN C 272 32.94 -5.14 -0.31
C ASN C 272 33.60 -4.63 -1.58
N GLY C 273 34.75 -3.97 -1.41
CA GLY C 273 35.53 -3.46 -2.53
C GLY C 273 35.24 -2.03 -2.91
N ILE C 274 34.48 -1.38 -2.04
CA ILE C 274 34.07 -0.01 -2.19
C ILE C 274 34.81 0.84 -1.17
N THR C 275 35.51 1.86 -1.64
CA THR C 275 36.24 2.78 -0.75
C THR C 275 35.44 4.08 -0.64
N PHE C 276 34.86 4.29 0.53
CA PHE C 276 34.07 5.49 0.83
C PHE C 276 34.97 6.58 1.40
N PRO C 277 35.06 7.77 0.74
CA PRO C 277 35.91 8.86 1.25
C PRO C 277 35.37 9.31 2.63
N LYS C 278 36.11 10.18 3.33
CA LYS C 278 35.65 10.62 4.63
C LYS C 278 34.61 11.74 4.60
N ASP C 279 34.34 12.29 3.41
CA ASP C 279 33.34 13.34 3.27
C ASP C 279 31.95 12.73 2.99
N ALA C 280 31.94 11.42 2.70
CA ALA C 280 30.73 10.65 2.41
C ALA C 280 29.80 10.52 3.63
N PRO C 281 28.45 10.50 3.41
CA PRO C 281 27.45 10.39 4.49
C PRO C 281 27.48 9.13 5.32
N SER C 282 27.06 9.25 6.58
CA SER C 282 27.00 8.13 7.52
C SER C 282 25.96 7.12 7.00
N PRO C 283 26.15 5.78 7.24
CA PRO C 283 25.17 4.79 6.75
C PRO C 283 23.70 4.98 7.14
N PHE C 284 22.83 4.83 6.14
CA PHE C 284 21.37 4.98 6.28
C PHE C 284 20.66 3.79 6.91
N ILE C 285 19.76 4.08 7.85
CA ILE C 285 18.94 3.06 8.50
C ILE C 285 17.57 3.51 7.97
N PHE C 286 16.95 2.66 7.16
CA PHE C 286 15.67 2.97 6.55
C PHE C 286 14.47 2.56 7.36
N LYS C 287 13.44 3.40 7.29
CA LYS C 287 12.17 3.21 7.97
C LYS C 287 11.39 2.18 7.19
N THR C 288 10.88 1.15 7.88
CA THR C 288 10.08 0.11 7.22
C THR C 288 8.70 0.67 6.86
N LEU C 289 7.89 -0.14 6.19
CA LEU C 289 6.56 0.29 5.82
C LEU C 289 5.64 0.32 7.05
N GLU C 290 5.89 -0.61 7.97
CA GLU C 290 5.15 -0.74 9.22
C GLU C 290 5.38 0.46 10.16
N GLU C 291 6.63 0.94 10.17
CA GLU C 291 7.04 2.09 10.98
C GLU C 291 6.47 3.40 10.47
N GLN C 292 6.07 3.40 9.19
CA GLN C 292 5.47 4.56 8.55
C GLN C 292 3.95 4.46 8.61
N GLY C 293 3.46 3.50 9.41
CA GLY C 293 2.04 3.30 9.61
C GLY C 293 1.30 2.38 8.67
N LEU C 294 1.97 1.96 7.59
CA LEU C 294 1.37 1.07 6.60
C LEU C 294 1.30 -0.40 7.09
N THR D 1 -21.96 -9.58 7.51
CA THR D 1 -21.21 -9.04 8.69
C THR D 1 -20.32 -7.87 8.20
N GLU D 2 -19.30 -7.49 8.98
CA GLU D 2 -18.38 -6.40 8.59
C GLU D 2 -17.42 -6.93 7.53
N PHE D 3 -17.01 -8.19 7.70
CA PHE D 3 -16.15 -8.92 6.78
C PHE D 3 -17.20 -9.40 5.76
N LYS D 4 -16.85 -9.45 4.47
CA LYS D 4 -17.81 -9.91 3.49
C LYS D 4 -17.98 -11.44 3.48
N ALA D 5 -17.56 -12.08 2.40
CA ALA D 5 -17.62 -13.54 2.20
C ALA D 5 -17.21 -13.67 0.75
N GLY D 6 -16.24 -14.54 0.47
CA GLY D 6 -15.78 -14.72 -0.89
C GLY D 6 -15.78 -16.13 -1.44
N SER D 7 -14.81 -16.38 -2.31
CA SER D 7 -14.61 -17.66 -2.98
C SER D 7 -13.85 -18.64 -2.08
N ALA D 8 -14.43 -19.83 -1.90
CA ALA D 8 -13.82 -20.89 -1.07
C ALA D 8 -12.84 -21.74 -1.89
N LYS D 9 -12.83 -21.51 -3.20
CA LYS D 9 -11.95 -22.21 -4.16
C LYS D 9 -10.59 -21.51 -4.21
N LYS D 10 -10.64 -20.18 -4.15
CA LYS D 10 -9.45 -19.31 -4.15
C LYS D 10 -8.82 -19.40 -2.74
N GLY D 11 -9.67 -19.54 -1.73
CA GLY D 11 -9.23 -19.66 -0.35
C GLY D 11 -8.61 -21.01 -0.01
N ALA D 12 -8.88 -22.01 -0.85
CA ALA D 12 -8.34 -23.35 -0.67
C ALA D 12 -6.89 -23.34 -1.11
N THR D 13 -6.62 -22.58 -2.19
CA THR D 13 -5.28 -22.41 -2.75
C THR D 13 -4.41 -21.57 -1.84
N LEU D 14 -5.01 -20.52 -1.27
CA LEU D 14 -4.34 -19.60 -0.32
C LEU D 14 -3.96 -20.36 0.94
N PHE D 15 -4.81 -21.31 1.33
CA PHE D 15 -4.56 -22.13 2.51
C PHE D 15 -3.44 -23.11 2.24
N LYS D 16 -3.51 -23.78 1.09
CA LYS D 16 -2.52 -24.78 0.70
C LYS D 16 -1.11 -24.21 0.44
N THR D 17 -1.05 -22.93 0.08
CA THR D 17 0.23 -22.24 -0.20
C THR D 17 0.81 -21.45 0.97
N ARG D 18 -0.06 -20.78 1.74
CA ARG D 18 0.36 -19.95 2.87
C ARG D 18 0.20 -20.49 4.30
N CYS D 19 -0.71 -21.45 4.50
CA CYS D 19 -0.94 -22.00 5.84
C CYS D 19 -0.65 -23.46 6.07
N LEU D 20 -0.90 -24.30 5.06
CA LEU D 20 -0.72 -25.76 5.14
C LEU D 20 0.60 -26.29 5.66
N GLN D 21 1.70 -25.59 5.36
CA GLN D 21 3.05 -25.99 5.81
C GLN D 21 3.21 -26.13 7.33
N CYS D 22 2.25 -25.55 8.06
CA CYS D 22 2.23 -25.57 9.53
C CYS D 22 0.87 -25.91 10.15
N HIS D 23 -0.18 -25.86 9.34
CA HIS D 23 -1.53 -26.14 9.81
C HIS D 23 -2.28 -27.22 9.05
N THR D 24 -3.07 -27.97 9.81
CA THR D 24 -3.94 -29.03 9.31
C THR D 24 -5.35 -28.57 9.66
N VAL D 25 -6.32 -28.90 8.81
CA VAL D 25 -7.71 -28.51 9.02
C VAL D 25 -8.69 -29.64 9.29
N GLU D 26 -8.35 -30.85 8.87
CA GLU D 26 -9.21 -32.01 9.06
C GLU D 26 -9.37 -32.45 10.53
N LYS D 27 -10.43 -33.21 10.79
CA LYS D 27 -10.76 -33.71 12.13
C LYS D 27 -9.73 -34.70 12.69
N GLY D 28 -9.31 -34.43 13.93
CA GLY D 28 -8.33 -35.25 14.62
C GLY D 28 -6.91 -35.04 14.11
N GLY D 29 -6.79 -34.16 13.12
CA GLY D 29 -5.53 -33.83 12.46
C GLY D 29 -4.31 -33.52 13.31
N PRO D 30 -3.11 -33.95 12.89
CA PRO D 30 -1.88 -33.71 13.65
C PRO D 30 -1.36 -32.26 13.67
N HIS D 31 -0.85 -31.86 14.84
CA HIS D 31 -0.26 -30.53 15.03
C HIS D 31 1.11 -30.56 14.36
N LYS D 32 1.45 -29.53 13.60
CA LYS D 32 2.74 -29.46 12.91
C LYS D 32 3.61 -28.42 13.65
N VAL D 33 3.89 -27.28 13.01
CA VAL D 33 4.65 -26.21 13.65
C VAL D 33 3.57 -25.42 14.42
N GLY D 34 2.34 -25.50 13.89
CA GLY D 34 1.19 -24.86 14.50
C GLY D 34 0.09 -25.85 14.84
N PRO D 35 -0.95 -25.45 15.61
CA PRO D 35 -2.05 -26.34 16.00
C PRO D 35 -3.02 -26.70 14.88
N ASN D 36 -3.76 -27.78 15.09
CA ASN D 36 -4.77 -28.24 14.14
C ASN D 36 -5.92 -27.25 14.23
N LEU D 37 -6.33 -26.72 13.08
CA LEU D 37 -7.39 -25.72 13.02
C LEU D 37 -8.84 -26.18 13.02
N HIS D 38 -9.13 -27.45 13.30
CA HIS D 38 -10.54 -27.89 13.32
C HIS D 38 -11.27 -27.40 14.56
N GLY D 39 -12.43 -26.80 14.33
CA GLY D 39 -13.25 -26.26 15.41
C GLY D 39 -12.63 -25.03 16.02
N ILE D 40 -11.95 -24.24 15.17
CA ILE D 40 -11.28 -23.01 15.59
C ILE D 40 -12.31 -21.88 15.82
N PHE D 41 -13.35 -21.89 14.99
CA PHE D 41 -14.44 -20.90 15.07
C PHE D 41 -15.44 -21.32 16.15
N GLY D 42 -15.54 -20.47 17.18
CA GLY D 42 -16.42 -20.73 18.31
C GLY D 42 -15.61 -21.12 19.53
N ARG D 43 -14.30 -21.33 19.32
CA ARG D 43 -13.36 -21.71 20.36
C ARG D 43 -12.44 -20.53 20.69
N HIS D 44 -11.90 -20.53 21.91
CA HIS D 44 -11.00 -19.46 22.36
C HIS D 44 -9.56 -19.71 21.92
N SER D 45 -8.76 -18.64 21.94
CA SER D 45 -7.35 -18.71 21.55
C SER D 45 -6.50 -19.42 22.60
N GLY D 46 -5.78 -20.45 22.16
CA GLY D 46 -4.92 -21.23 23.04
C GLY D 46 -5.61 -22.43 23.65
N GLN D 47 -6.60 -22.99 22.95
CA GLN D 47 -7.35 -24.14 23.47
C GLN D 47 -7.25 -25.53 22.84
N ALA D 48 -6.61 -25.68 21.68
CA ALA D 48 -6.46 -27.00 21.03
C ALA D 48 -5.57 -27.90 21.90
N GLU D 49 -6.05 -29.11 22.18
CA GLU D 49 -5.33 -30.04 23.05
C GLU D 49 -4.08 -30.71 22.48
N GLY D 50 -3.08 -30.89 23.36
CA GLY D 50 -1.83 -31.51 23.00
C GLY D 50 -0.80 -30.65 22.28
N TYR D 51 -1.04 -29.33 22.26
CA TYR D 51 -0.12 -28.40 21.61
C TYR D 51 0.35 -27.32 22.59
N SER D 52 1.64 -26.99 22.49
CA SER D 52 2.29 -25.99 23.32
C SER D 52 2.25 -24.60 22.68
N TYR D 53 1.41 -23.74 23.25
CA TYR D 53 1.23 -22.36 22.80
C TYR D 53 2.08 -21.44 23.68
N THR D 54 2.35 -20.23 23.19
CA THR D 54 3.09 -19.23 23.97
C THR D 54 2.10 -18.67 24.99
N ASP D 55 2.61 -18.08 26.07
CA ASP D 55 1.76 -17.48 27.11
C ASP D 55 0.87 -16.40 26.49
N ALA D 56 1.38 -15.75 25.45
CA ALA D 56 0.72 -14.68 24.68
C ALA D 56 -0.55 -15.07 23.91
N ASN D 57 -0.58 -16.29 23.37
CA ASN D 57 -1.73 -16.79 22.62
C ASN D 57 -2.86 -17.24 23.54
N ILE D 58 -2.50 -17.85 24.68
CA ILE D 58 -3.48 -18.31 25.69
C ILE D 58 -4.05 -17.10 26.44
N LYS D 59 -3.17 -16.16 26.80
CA LYS D 59 -3.52 -14.92 27.52
C LYS D 59 -4.37 -13.91 26.76
N LYS D 60 -4.37 -13.99 25.43
CA LYS D 60 -5.16 -13.07 24.62
C LYS D 60 -6.64 -13.41 24.71
N ASN D 61 -6.91 -14.68 25.00
CA ASN D 61 -8.24 -15.29 25.18
C ASN D 61 -9.45 -14.64 24.49
N VAL D 62 -9.43 -14.68 23.16
CA VAL D 62 -10.50 -14.13 22.32
C VAL D 62 -11.25 -15.27 21.63
N LEU D 63 -12.57 -15.13 21.55
CA LEU D 63 -13.42 -16.13 20.89
C LEU D 63 -13.24 -15.90 19.40
N TRP D 64 -12.66 -16.89 18.72
CA TRP D 64 -12.42 -16.78 17.29
C TRP D 64 -13.67 -16.77 16.43
N ASP D 65 -13.99 -15.58 15.94
CA ASP D 65 -15.10 -15.38 15.02
C ASP D 65 -14.46 -14.78 13.78
N GLU D 66 -15.16 -14.84 12.67
CA GLU D 66 -14.72 -14.33 11.37
C GLU D 66 -14.13 -12.91 11.27
N ASN D 67 -14.51 -12.04 12.20
CA ASN D 67 -14.08 -10.66 12.25
C ASN D 67 -12.74 -10.40 12.96
N ASN D 68 -12.56 -10.97 14.15
CA ASN D 68 -11.31 -10.80 14.89
C ASN D 68 -10.20 -11.69 14.32
N MET D 69 -10.61 -12.62 13.47
CA MET D 69 -9.73 -13.54 12.77
C MET D 69 -9.15 -12.78 11.57
N SER D 70 -9.91 -11.80 11.08
CA SER D 70 -9.49 -10.98 9.95
C SER D 70 -8.37 -10.05 10.37
N GLU D 71 -8.51 -9.43 11.55
CA GLU D 71 -7.48 -8.51 12.10
C GLU D 71 -6.20 -9.28 12.41
N TYR D 72 -6.38 -10.52 12.82
CA TYR D 72 -5.29 -11.41 13.16
C TYR D 72 -4.41 -11.71 11.96
N LEU D 73 -5.05 -12.12 10.86
CA LEU D 73 -4.35 -12.46 9.63
C LEU D 73 -3.78 -11.28 8.85
N THR D 74 -4.05 -10.06 9.33
CA THR D 74 -3.56 -8.82 8.73
C THR D 74 -2.13 -8.56 9.23
N ASN D 75 -1.90 -8.84 10.51
CA ASN D 75 -0.61 -8.65 11.16
C ASN D 75 -0.69 -9.43 12.50
N PRO D 76 -0.31 -10.73 12.49
CA PRO D 76 -0.34 -11.61 13.67
C PRO D 76 0.39 -11.16 14.92
N LYS D 77 1.51 -10.44 14.74
CA LYS D 77 2.32 -9.95 15.85
C LYS D 77 1.89 -8.58 16.39
N LYS D 78 0.92 -7.96 15.72
CA LYS D 78 0.38 -6.68 16.15
C LYS D 78 -0.84 -6.99 17.01
N TYR D 79 -1.57 -8.02 16.60
CA TYR D 79 -2.78 -8.48 17.30
C TYR D 79 -2.39 -9.23 18.58
N ILE D 80 -1.52 -10.23 18.45
CA ILE D 80 -1.02 -10.99 19.60
C ILE D 80 0.50 -10.81 19.66
N PRO D 81 1.02 -9.82 20.44
CA PRO D 81 2.48 -9.66 20.50
C PRO D 81 3.08 -10.79 21.33
N GLY D 82 4.14 -11.38 20.81
CA GLY D 82 4.81 -12.47 21.50
C GLY D 82 4.44 -13.83 20.93
N THR D 83 3.62 -13.84 19.87
CA THR D 83 3.22 -15.08 19.21
C THR D 83 4.38 -15.64 18.39
N LYS D 84 4.53 -16.96 18.40
CA LYS D 84 5.60 -17.60 17.64
C LYS D 84 5.17 -17.91 16.20
N MET D 85 4.00 -17.40 15.82
CA MET D 85 3.48 -17.58 14.46
C MET D 85 4.24 -16.69 13.49
N ALA D 86 5.21 -17.31 12.82
CA ALA D 86 6.02 -16.60 11.86
C ALA D 86 5.27 -16.44 10.53
N SER D 87 4.45 -15.39 10.48
CA SER D 87 3.67 -15.01 9.31
C SER D 87 3.78 -13.52 9.05
N GLY D 88 3.85 -13.17 7.76
CA GLY D 88 3.97 -11.79 7.37
C GLY D 88 2.64 -11.05 7.34
N GLY D 89 1.57 -11.80 7.04
CA GLY D 89 0.22 -11.27 7.01
C GLY D 89 -0.39 -11.11 5.64
N LEU D 90 -1.71 -11.28 5.58
CA LEU D 90 -2.50 -11.11 4.36
C LEU D 90 -2.91 -9.64 4.34
N LYS D 91 -2.29 -8.89 3.42
CA LYS D 91 -2.54 -7.46 3.31
C LYS D 91 -3.73 -7.02 2.47
N LYS D 92 -4.34 -7.97 1.77
CA LYS D 92 -5.50 -7.68 0.92
C LYS D 92 -6.79 -8.24 1.54
N GLU D 93 -7.85 -7.42 1.53
CA GLU D 93 -9.16 -7.79 2.06
C GLU D 93 -9.77 -9.00 1.37
N LYS D 94 -9.64 -9.06 0.04
CA LYS D 94 -10.15 -10.17 -0.78
C LYS D 94 -9.55 -11.50 -0.34
N ASP D 95 -8.23 -11.50 -0.14
CA ASP D 95 -7.46 -12.68 0.31
C ASP D 95 -7.94 -13.19 1.67
N ARG D 96 -8.24 -12.25 2.57
CA ARG D 96 -8.72 -12.56 3.91
C ARG D 96 -10.10 -13.16 3.83
N ASN D 97 -11.00 -12.47 3.14
CA ASN D 97 -12.40 -12.90 2.93
C ASN D 97 -12.48 -14.28 2.29
N ASP D 98 -11.62 -14.52 1.29
CA ASP D 98 -11.56 -15.79 0.57
C ASP D 98 -11.03 -16.93 1.44
N LEU D 99 -10.07 -16.62 2.31
CA LEU D 99 -9.48 -17.63 3.21
C LEU D 99 -10.39 -17.98 4.39
N ILE D 100 -11.04 -16.97 4.96
CA ILE D 100 -11.96 -17.17 6.10
C ILE D 100 -13.15 -17.99 5.63
N THR D 101 -13.63 -17.72 4.41
CA THR D 101 -14.76 -18.42 3.79
C THR D 101 -14.44 -19.91 3.59
N TYR D 102 -13.17 -20.22 3.32
CA TYR D 102 -12.73 -21.60 3.18
C TYR D 102 -12.58 -22.20 4.56
N LEU D 103 -11.99 -21.44 5.48
CA LEU D 103 -11.78 -21.88 6.86
C LEU D 103 -13.08 -22.15 7.62
N LYS D 104 -14.14 -21.43 7.26
CA LYS D 104 -15.46 -21.61 7.87
C LYS D 104 -16.00 -22.98 7.50
N LYS D 105 -15.82 -23.35 6.23
CA LYS D 105 -16.25 -24.63 5.66
C LYS D 105 -15.37 -25.82 6.08
N ALA D 106 -14.06 -25.62 6.01
CA ALA D 106 -13.08 -26.66 6.32
C ALA D 106 -12.90 -27.03 7.80
N CYS D 107 -13.13 -26.07 8.68
CA CYS D 107 -12.97 -26.25 10.13
C CYS D 107 -14.32 -26.38 10.85
N GLU D 108 -15.30 -26.99 10.18
CA GLU D 108 -16.66 -27.18 10.72
C GLU D 108 -16.83 -28.07 11.96
#